data_6FSE
#
_entry.id   6FSE
#
_cell.length_a   79.525
_cell.length_b   111.885
_cell.length_c   226.535
_cell.angle_alpha   90.00
_cell.angle_beta   90.00
_cell.angle_gamma   90.00
#
_symmetry.space_group_name_H-M   'P 21 21 21'
#
loop_
_entity.id
_entity.type
_entity.pdbx_description
1 polymer Acetylcholinesterase
2 non-polymer 1-[4-(4-ethylpiperazin-1-yl)piperidin-1-yl]-2-[4-(4-methoxyphenyl)phenoxy]ethanone
3 non-polymer 2-(2-{2-[2-(2-METHOXY-ETHOXY)-ETHOXY]-ETHOXY}-ETHOXY)-ETHANOL
4 non-polymer DI(HYDROXYETHYL)ETHER
5 non-polymer 2-(2-METHOXYETHOXY)ETHANOL
6 water water
#
_entity_poly.entity_id   1
_entity_poly.type   'polypeptide(L)'
_entity_poly.pdbx_seq_one_letter_code
;EGREDPQLLVRVRGGQLRGIRLKAPGGPVSAFLGIPFAEPPVGSRRFMPPEPKRPWSGVLDATTFQNVCYQYVDTLYPGF
EGTEMWNPNRELSEDCLYLNVWTPYPRPASPTPVLIWIYGGGFYSGAASLDVYDGRFLAQVEGAVLVSMNYRVGTFGFLA
LPGSREAPGNVGLLDQRLALQWVQENIAAFGGDPMSVTLFGESAGAASVGMHILSLPSRSLFHRAVLQSGTPNGPWATVS
AGEARRRATLLARLVGCPPGGAGGNDTELIACLRTRPAQDLVDHEWHVLPQESIFRFSFVPVVDGDFLSDTPEALINTGD
FQDLQVLVGVVKDEGSYFLVYGVPGFSKDNESLISRAQFLAGVRIGVPQASDLAAEAVVLHYTDWLHPEDPTHLRDAMSA
VVGDHNVVCPVAQLAGRLAAQGARVYAYIFEHRASTLTWPLWMGVPHGYEIEFIFGLPLDPSLNYTTEERIFAQRLMKYW
TNFARTGDPNDPRDSKSPQWPPYTTAAQQYVSLNLKPLEVRRGLRAQTCAFWNRFLPKLLSATATGAP
;
_entity_poly.pdbx_strand_id   A,B
#
# COMPACT_ATOMS: atom_id res chain seq x y z
N GLU A 1 -0.70 27.26 -63.48
CA GLU A 1 -0.45 25.84 -63.76
C GLU A 1 0.20 25.68 -65.13
N GLY A 2 1.05 24.67 -65.28
CA GLY A 2 1.67 24.41 -66.56
C GLY A 2 2.97 23.65 -66.48
N ARG A 3 3.98 24.26 -65.85
CA ARG A 3 5.32 23.68 -65.76
C ARG A 3 5.61 23.04 -64.40
N GLU A 4 4.58 22.79 -63.61
CA GLU A 4 4.75 22.28 -62.25
C GLU A 4 4.69 20.76 -62.23
N ASP A 5 4.82 20.19 -61.04
CA ASP A 5 4.68 18.76 -60.86
C ASP A 5 3.19 18.40 -60.85
N PRO A 6 2.72 17.62 -61.83
CA PRO A 6 1.30 17.24 -61.82
C PRO A 6 0.90 16.36 -60.64
N GLN A 7 1.86 15.72 -59.98
CA GLN A 7 1.56 14.84 -58.86
C GLN A 7 1.29 15.59 -57.56
N LEU A 8 1.46 16.91 -57.54
CA LEU A 8 1.43 17.68 -56.30
C LEU A 8 0.37 18.79 -56.31
N LEU A 9 -0.60 18.74 -57.21
CA LEU A 9 -1.67 19.73 -57.24
C LEU A 9 -2.99 19.03 -56.94
N VAL A 10 -3.68 19.50 -55.91
CA VAL A 10 -4.89 18.88 -55.40
C VAL A 10 -5.92 19.98 -55.15
N ARG A 11 -7.19 19.65 -55.31
CA ARG A 11 -8.29 20.56 -54.98
C ARG A 11 -9.01 20.08 -53.73
N VAL A 12 -9.30 21.02 -52.83
CA VAL A 12 -10.13 20.72 -51.66
C VAL A 12 -11.33 21.66 -51.68
N ARG A 13 -12.23 21.50 -50.70
CA ARG A 13 -13.48 22.26 -50.67
C ARG A 13 -13.26 23.77 -50.70
N GLY A 14 -12.07 24.25 -50.32
CA GLY A 14 -11.82 25.67 -50.28
C GLY A 14 -11.09 26.22 -51.49
N GLY A 15 -10.56 25.34 -52.31
CA GLY A 15 -9.84 25.76 -53.50
C GLY A 15 -8.76 24.76 -53.85
N GLN A 16 -7.76 25.24 -54.58
CA GLN A 16 -6.65 24.43 -55.05
C GLN A 16 -5.41 24.63 -54.20
N LEU A 17 -4.61 23.57 -54.09
CA LEU A 17 -3.39 23.57 -53.29
C LEU A 17 -2.25 23.02 -54.10
N ARG A 18 -1.05 23.57 -53.87
CA ARG A 18 0.17 23.07 -54.47
C ARG A 18 1.04 22.50 -53.34
N GLY A 19 1.23 21.19 -53.35
CA GLY A 19 2.06 20.52 -52.37
C GLY A 19 3.53 20.60 -52.72
N ILE A 20 4.32 19.79 -52.02
CA ILE A 20 5.76 19.76 -52.21
C ILE A 20 6.24 18.32 -52.11
N ARG A 21 7.21 17.97 -52.95
CA ARG A 21 7.80 16.64 -52.96
C ARG A 21 8.96 16.63 -51.97
N LEU A 22 8.81 15.88 -50.88
CA LEU A 22 9.82 15.81 -49.84
C LEU A 22 10.61 14.51 -49.95
N LYS A 23 11.84 14.54 -49.45
CA LYS A 23 12.74 13.39 -49.50
C LYS A 23 12.74 12.68 -48.16
N ALA A 24 12.45 11.38 -48.19
CA ALA A 24 12.55 10.48 -47.05
C ALA A 24 13.69 9.50 -47.26
N PRO A 25 14.16 8.84 -46.20
CA PRO A 25 15.32 7.93 -46.35
C PRO A 25 15.18 6.91 -47.48
N GLY A 26 13.97 6.42 -47.75
CA GLY A 26 13.80 5.41 -48.77
C GLY A 26 12.79 5.76 -49.84
N GLY A 27 12.82 7.00 -50.32
CA GLY A 27 11.90 7.44 -51.36
C GLY A 27 11.28 8.77 -51.06
N PRO A 28 10.55 9.33 -52.04
CA PRO A 28 9.90 10.62 -51.85
C PRO A 28 8.50 10.50 -51.27
N VAL A 29 8.01 11.61 -50.74
CA VAL A 29 6.66 11.70 -50.18
C VAL A 29 6.02 13.01 -50.65
N SER A 30 4.69 13.00 -50.67
CA SER A 30 3.93 14.20 -50.94
C SER A 30 3.57 14.89 -49.63
N ALA A 31 3.74 16.20 -49.59
CA ALA A 31 3.45 16.98 -48.39
C ALA A 31 2.63 18.20 -48.75
N PHE A 32 1.56 18.42 -48.01
CA PHE A 32 0.71 19.60 -48.15
C PHE A 32 0.68 20.28 -46.78
N LEU A 33 1.48 21.34 -46.64
CA LEU A 33 1.71 21.97 -45.34
C LEU A 33 1.04 23.34 -45.29
N GLY A 34 0.41 23.65 -44.16
CA GLY A 34 -0.18 24.95 -43.99
C GLY A 34 -1.51 25.14 -44.67
N ILE A 35 -2.31 24.09 -44.83
CA ILE A 35 -3.64 24.18 -45.39
C ILE A 35 -4.56 24.86 -44.38
N PRO A 36 -5.15 26.01 -44.70
CA PRO A 36 -6.08 26.64 -43.76
C PRO A 36 -7.39 25.87 -43.70
N PHE A 37 -7.81 25.52 -42.48
CA PHE A 37 -9.08 24.84 -42.28
C PHE A 37 -10.09 25.67 -41.51
N ALA A 38 -9.77 26.91 -41.18
CA ALA A 38 -10.69 27.75 -40.43
C ALA A 38 -10.35 29.22 -40.67
N GLU A 39 -11.36 30.07 -40.51
CA GLU A 39 -11.10 31.50 -40.54
C GLU A 39 -10.20 31.89 -39.37
N PRO A 40 -9.25 32.79 -39.58
CA PRO A 40 -8.33 33.17 -38.51
C PRO A 40 -9.08 33.66 -37.29
N PRO A 41 -8.95 32.96 -36.12
CA PRO A 41 -9.67 33.34 -34.90
C PRO A 41 -9.06 34.55 -34.22
N VAL A 42 -9.02 35.67 -34.94
CA VAL A 42 -8.36 36.88 -34.49
C VAL A 42 -9.40 37.96 -34.24
N GLY A 43 -8.97 39.02 -33.55
CA GLY A 43 -9.84 40.17 -33.34
C GLY A 43 -11.05 39.81 -32.50
N SER A 44 -12.24 40.14 -33.01
CA SER A 44 -13.48 39.87 -32.32
C SER A 44 -13.78 38.38 -32.20
N ARG A 45 -12.99 37.54 -32.86
CA ARG A 45 -13.19 36.10 -32.86
C ARG A 45 -12.32 35.38 -31.84
N ARG A 46 -11.46 36.11 -31.13
CA ARG A 46 -10.69 35.52 -30.05
C ARG A 46 -11.64 34.97 -28.99
N PHE A 47 -11.33 33.75 -28.52
CA PHE A 47 -12.11 32.94 -27.58
C PHE A 47 -13.38 32.36 -28.20
N MET A 48 -13.69 32.68 -29.47
CA MET A 48 -14.89 32.19 -30.12
C MET A 48 -14.63 30.85 -30.79
N PRO A 49 -15.68 30.06 -31.03
CA PRO A 49 -15.51 28.83 -31.78
C PRO A 49 -15.03 29.12 -33.19
N PRO A 50 -14.36 28.17 -33.82
CA PRO A 50 -13.82 28.43 -35.17
C PRO A 50 -14.88 28.36 -36.24
N GLU A 51 -14.76 29.24 -37.25
CA GLU A 51 -15.65 28.98 -38.37
C GLU A 51 -14.88 28.36 -39.52
N PRO A 52 -15.57 27.59 -40.36
CA PRO A 52 -14.90 26.99 -41.53
C PRO A 52 -14.26 28.04 -42.43
N LYS A 53 -13.15 27.65 -43.04
CA LYS A 53 -12.40 28.56 -43.89
C LYS A 53 -13.20 28.91 -45.15
N ARG A 54 -13.36 30.20 -45.40
CA ARG A 54 -14.02 30.62 -46.62
C ARG A 54 -13.14 30.28 -47.82
N PRO A 55 -13.72 29.81 -48.92
CA PRO A 55 -12.91 29.41 -50.07
C PRO A 55 -12.08 30.57 -50.61
N TRP A 56 -10.94 30.23 -51.20
CA TRP A 56 -10.01 31.19 -51.79
C TRP A 56 -9.94 30.99 -53.29
N SER A 57 -9.39 31.99 -53.97
CA SER A 57 -9.19 31.92 -55.41
C SER A 57 -7.72 31.65 -55.71
N GLY A 58 -7.48 31.05 -56.87
CA GLY A 58 -6.13 30.70 -57.27
C GLY A 58 -5.61 29.46 -56.58
N VAL A 59 -4.32 29.24 -56.72
CA VAL A 59 -3.64 28.07 -56.16
C VAL A 59 -2.95 28.50 -54.87
N LEU A 60 -3.39 27.93 -53.75
CA LEU A 60 -2.76 28.20 -52.47
C LEU A 60 -1.48 27.38 -52.36
N ASP A 61 -0.38 28.04 -52.01
CA ASP A 61 0.90 27.35 -51.85
C ASP A 61 0.91 26.63 -50.51
N ALA A 62 0.92 25.31 -50.56
CA ALA A 62 0.93 24.49 -49.35
C ALA A 62 2.26 23.76 -49.21
N THR A 63 3.36 24.50 -49.20
CA THR A 63 4.69 23.92 -49.22
C THR A 63 5.50 24.18 -47.96
N THR A 64 5.02 25.03 -47.05
CA THR A 64 5.73 25.31 -45.81
C THR A 64 4.74 25.31 -44.65
N PHE A 65 5.26 25.04 -43.46
CA PHE A 65 4.45 25.08 -42.25
C PHE A 65 3.99 26.51 -41.97
N GLN A 66 2.76 26.64 -41.49
CA GLN A 66 2.20 27.94 -41.16
C GLN A 66 2.52 28.29 -39.71
N ASN A 67 1.92 29.36 -39.22
CA ASN A 67 2.25 29.89 -37.90
C ASN A 67 1.85 28.94 -36.80
N VAL A 68 2.58 29.01 -35.69
CA VAL A 68 2.27 28.28 -34.47
C VAL A 68 1.34 29.13 -33.62
N CYS A 69 0.34 28.49 -33.02
CA CYS A 69 -0.60 29.23 -32.18
C CYS A 69 0.12 29.89 -31.01
N TYR A 70 -0.31 31.11 -30.68
CA TYR A 70 0.37 31.90 -29.68
C TYR A 70 0.39 31.18 -28.34
N GLN A 71 1.58 31.07 -27.74
CA GLN A 71 1.75 30.22 -26.57
C GLN A 71 2.96 30.68 -25.78
N TYR A 72 3.06 30.17 -24.55
CA TYR A 72 4.23 30.40 -23.72
C TYR A 72 5.44 29.65 -24.28
N VAL A 73 6.60 30.31 -24.26
CA VAL A 73 7.85 29.72 -24.73
C VAL A 73 8.70 29.35 -23.53
N ASP A 74 9.19 28.12 -23.51
CA ASP A 74 9.97 27.64 -22.38
C ASP A 74 11.40 28.17 -22.44
N THR A 75 11.86 28.75 -21.34
CA THR A 75 13.21 29.30 -21.25
C THR A 75 13.83 28.94 -19.91
N LEU A 76 13.69 27.69 -19.50
CA LEU A 76 14.37 27.22 -18.31
C LEU A 76 15.80 26.78 -18.60
N TYR A 77 16.05 26.25 -19.81
CA TYR A 77 17.40 25.83 -20.23
C TYR A 77 17.64 26.39 -21.63
N PRO A 78 18.11 27.62 -21.72
CA PRO A 78 18.45 28.21 -23.03
C PRO A 78 19.35 27.31 -23.87
N GLY A 79 18.97 27.09 -25.12
CA GLY A 79 19.80 26.36 -26.06
C GLY A 79 20.02 24.89 -25.74
N PHE A 80 19.12 24.29 -24.96
CA PHE A 80 19.23 22.89 -24.57
C PHE A 80 18.21 22.08 -25.37
N GLU A 81 18.69 21.10 -26.12
CA GLU A 81 17.83 20.38 -27.06
C GLU A 81 16.66 19.70 -26.36
N GLY A 82 16.82 19.28 -25.12
CA GLY A 82 15.76 18.60 -24.41
C GLY A 82 14.51 19.45 -24.23
N THR A 83 14.68 20.76 -24.14
CA THR A 83 13.55 21.68 -24.06
C THR A 83 13.26 22.39 -25.37
N GLU A 84 14.28 22.56 -26.21
CA GLU A 84 14.12 23.31 -27.45
C GLU A 84 13.32 22.55 -28.49
N MET A 85 13.45 21.22 -28.52
CA MET A 85 12.75 20.42 -29.51
C MET A 85 11.24 20.51 -29.38
N TRP A 86 10.72 21.05 -28.27
CA TRP A 86 9.29 21.24 -28.08
C TRP A 86 8.85 22.69 -28.23
N ASN A 87 9.79 23.62 -28.39
CA ASN A 87 9.45 25.02 -28.54
C ASN A 87 8.96 25.31 -29.95
N PRO A 88 8.21 26.39 -30.15
CA PRO A 88 7.72 26.73 -31.49
C PRO A 88 8.86 26.93 -32.47
N ASN A 89 8.74 26.28 -33.63
CA ASN A 89 9.72 26.40 -34.69
C ASN A 89 9.23 27.30 -35.83
N ARG A 90 8.08 27.96 -35.64
CA ARG A 90 7.56 28.94 -36.59
C ARG A 90 7.11 30.18 -35.81
N GLU A 91 6.73 31.21 -36.55
CA GLU A 91 6.27 32.44 -35.95
C GLU A 91 5.02 32.21 -35.09
N LEU A 92 4.95 32.90 -33.96
CA LEU A 92 3.76 32.86 -33.12
C LEU A 92 2.71 33.83 -33.65
N SER A 93 1.48 33.34 -33.78
CA SER A 93 0.39 34.18 -34.29
C SER A 93 -0.94 33.55 -33.90
N GLU A 94 -1.93 34.41 -33.65
CA GLU A 94 -3.29 33.91 -33.44
C GLU A 94 -3.87 33.36 -34.74
N ASP A 95 -3.39 33.86 -35.88
CA ASP A 95 -3.68 33.26 -37.17
C ASP A 95 -2.87 31.97 -37.30
N CYS A 96 -3.45 30.86 -36.84
CA CYS A 96 -2.68 29.61 -36.74
C CYS A 96 -3.48 28.36 -37.03
N LEU A 97 -4.77 28.46 -37.34
CA LEU A 97 -5.59 27.27 -37.59
C LEU A 97 -5.29 26.76 -38.99
N TYR A 98 -4.22 25.97 -39.08
CA TYR A 98 -3.80 25.31 -40.30
C TYR A 98 -3.45 23.87 -40.00
N LEU A 99 -3.59 23.00 -41.00
CA LEU A 99 -3.25 21.59 -40.86
C LEU A 99 -2.30 21.17 -41.96
N ASN A 100 -1.71 19.99 -41.79
CA ASN A 100 -0.74 19.44 -42.73
C ASN A 100 -1.15 18.03 -43.12
N VAL A 101 -0.73 17.61 -44.31
CA VAL A 101 -1.04 16.29 -44.85
C VAL A 101 0.21 15.69 -45.46
N TRP A 102 0.50 14.43 -45.10
CA TRP A 102 1.58 13.65 -45.72
C TRP A 102 0.97 12.42 -46.38
N THR A 103 1.33 12.19 -47.64
CA THR A 103 0.91 11.02 -48.39
C THR A 103 2.11 10.46 -49.12
N PRO A 104 2.04 9.20 -49.57
CA PRO A 104 3.11 8.66 -50.42
C PRO A 104 3.22 9.44 -51.73
N TYR A 105 4.33 9.20 -52.42
CA TYR A 105 4.59 9.83 -53.71
C TYR A 105 4.88 8.77 -54.78
N PRO A 106 4.00 8.66 -55.78
CA PRO A 106 2.78 9.44 -56.00
C PRO A 106 1.68 9.11 -54.99
N ARG A 107 0.64 9.95 -54.96
CA ARG A 107 -0.45 9.71 -54.02
C ARG A 107 -1.09 8.35 -54.30
N PRO A 108 -1.53 7.64 -53.26
CA PRO A 108 -1.98 6.26 -53.46
C PRO A 108 -3.22 6.19 -54.34
N ALA A 109 -3.37 5.05 -55.03
CA ALA A 109 -4.52 4.84 -55.90
C ALA A 109 -5.75 4.47 -55.07
N SER A 110 -5.73 3.31 -54.42
CA SER A 110 -6.83 2.89 -53.59
C SER A 110 -6.89 3.73 -52.31
N PRO A 111 -8.07 3.86 -51.70
CA PRO A 111 -8.18 4.65 -50.47
C PRO A 111 -7.33 4.06 -49.35
N THR A 112 -6.59 4.94 -48.67
CA THR A 112 -5.63 4.59 -47.63
C THR A 112 -6.12 5.03 -46.26
N PRO A 113 -5.93 4.20 -45.23
CA PRO A 113 -6.30 4.61 -43.87
C PRO A 113 -5.57 5.88 -43.45
N VAL A 114 -6.25 6.69 -42.65
CA VAL A 114 -5.78 8.02 -42.29
C VAL A 114 -5.42 8.03 -40.80
N LEU A 115 -4.24 8.58 -40.49
CA LEU A 115 -3.82 8.82 -39.12
C LEU A 115 -3.82 10.33 -38.87
N ILE A 116 -4.53 10.76 -37.83
CA ILE A 116 -4.60 12.16 -37.46
C ILE A 116 -3.88 12.35 -36.13
N TRP A 117 -2.87 13.20 -36.12
CA TRP A 117 -2.06 13.47 -34.93
C TRP A 117 -2.57 14.71 -34.22
N ILE A 118 -2.74 14.60 -32.90
CA ILE A 118 -3.09 15.73 -32.05
C ILE A 118 -1.96 15.88 -31.05
N TYR A 119 -1.18 16.95 -31.18
CA TYR A 119 -0.01 17.12 -30.32
C TYR A 119 -0.42 17.44 -28.88
N GLY A 120 0.53 17.25 -27.97
CA GLY A 120 0.36 17.61 -26.58
C GLY A 120 1.10 18.88 -26.21
N GLY A 121 1.15 19.15 -24.92
CA GLY A 121 1.79 20.34 -24.42
C GLY A 121 0.98 21.03 -23.34
N GLY A 122 0.28 20.23 -22.53
CA GLY A 122 -0.48 20.76 -21.40
C GLY A 122 -1.56 21.76 -21.76
N PHE A 123 -2.06 21.72 -23.00
CA PHE A 123 -3.06 22.64 -23.52
C PHE A 123 -2.60 24.10 -23.52
N TYR A 124 -1.32 24.35 -23.24
CA TYR A 124 -0.78 25.69 -23.27
C TYR A 124 0.31 25.87 -24.32
N SER A 125 0.77 24.79 -24.96
CA SER A 125 1.85 24.86 -25.91
C SER A 125 1.68 23.72 -26.91
N GLY A 126 2.57 23.70 -27.92
CA GLY A 126 2.55 22.64 -28.91
C GLY A 126 2.37 23.14 -30.33
N ALA A 127 2.75 22.32 -31.30
CA ALA A 127 2.66 22.69 -32.70
C ALA A 127 2.75 21.42 -33.55
N ALA A 128 2.01 21.40 -34.65
CA ALA A 128 2.06 20.26 -35.56
C ALA A 128 3.28 20.27 -36.46
N SER A 129 4.10 21.31 -36.40
CA SER A 129 5.24 21.50 -37.28
C SER A 129 6.56 21.05 -36.67
N LEU A 130 6.55 20.57 -35.42
CA LEU A 130 7.79 20.15 -34.78
C LEU A 130 8.39 18.95 -35.51
N ASP A 131 9.71 18.84 -35.44
CA ASP A 131 10.41 17.80 -36.18
C ASP A 131 9.99 16.40 -35.72
N VAL A 132 9.71 16.22 -34.44
CA VAL A 132 9.32 14.91 -33.94
C VAL A 132 7.92 14.49 -34.38
N TYR A 133 7.17 15.36 -35.05
CA TYR A 133 5.87 15.03 -35.61
C TYR A 133 5.90 14.91 -37.13
N ASP A 134 7.10 14.79 -37.72
CA ASP A 134 7.26 14.67 -39.17
C ASP A 134 6.63 13.39 -39.68
N GLY A 135 5.53 13.50 -40.40
CA GLY A 135 4.82 12.34 -40.90
C GLY A 135 5.36 11.74 -42.17
N ARG A 136 6.56 12.15 -42.62
CA ARG A 136 7.07 11.63 -43.89
C ARG A 136 7.52 10.19 -43.78
N PHE A 137 7.94 9.75 -42.59
CA PHE A 137 8.39 8.36 -42.43
C PHE A 137 7.22 7.40 -42.38
N LEU A 138 6.17 7.74 -41.65
CA LEU A 138 4.96 6.90 -41.65
C LEU A 138 4.31 6.88 -43.01
N ALA A 139 4.43 7.96 -43.79
CA ALA A 139 3.83 8.01 -45.11
C ALA A 139 4.66 7.26 -46.14
N GLN A 140 5.99 7.30 -46.02
CA GLN A 140 6.84 6.64 -46.99
C GLN A 140 6.96 5.14 -46.71
N VAL A 141 7.26 4.78 -45.46
CA VAL A 141 7.55 3.39 -45.14
C VAL A 141 6.28 2.57 -45.01
N GLU A 142 5.23 3.15 -44.42
CA GLU A 142 3.98 2.43 -44.21
C GLU A 142 2.89 2.82 -45.22
N GLY A 143 3.19 3.73 -46.13
CA GLY A 143 2.20 4.14 -47.13
C GLY A 143 0.95 4.76 -46.54
N ALA A 144 1.08 5.40 -45.38
CA ALA A 144 -0.08 5.94 -44.68
C ALA A 144 -0.32 7.39 -45.06
N VAL A 145 -1.55 7.84 -44.84
CA VAL A 145 -1.94 9.24 -44.99
C VAL A 145 -2.01 9.84 -43.60
N LEU A 146 -1.11 10.77 -43.30
CA LEU A 146 -1.01 11.35 -41.97
C LEU A 146 -1.42 12.82 -42.02
N VAL A 147 -2.29 13.21 -41.09
CA VAL A 147 -2.76 14.58 -40.95
C VAL A 147 -2.47 15.06 -39.54
N SER A 148 -2.07 16.32 -39.41
CA SER A 148 -1.87 16.94 -38.11
C SER A 148 -2.29 18.41 -38.20
N MET A 149 -3.03 18.87 -37.20
CA MET A 149 -3.59 20.21 -37.20
C MET A 149 -3.05 21.02 -36.04
N ASN A 150 -3.10 22.34 -36.21
CA ASN A 150 -2.86 23.27 -35.12
C ASN A 150 -4.18 23.62 -34.45
N TYR A 151 -4.19 23.62 -33.13
CA TYR A 151 -5.36 24.06 -32.37
C TYR A 151 -4.91 25.10 -31.36
N ARG A 152 -5.81 26.02 -31.04
CA ARG A 152 -5.49 27.09 -30.11
C ARG A 152 -5.25 26.53 -28.71
N VAL A 153 -4.18 27.02 -28.07
CA VAL A 153 -3.78 26.56 -26.75
C VAL A 153 -3.87 27.73 -25.78
N GLY A 154 -3.77 27.41 -24.49
CA GLY A 154 -3.73 28.45 -23.47
C GLY A 154 -5.05 29.19 -23.38
N THR A 155 -4.97 30.48 -23.07
CA THR A 155 -6.17 31.31 -22.96
C THR A 155 -6.93 31.35 -24.28
N PHE A 156 -6.22 31.50 -25.39
CA PHE A 156 -6.87 31.64 -26.69
C PHE A 156 -7.69 30.41 -27.04
N GLY A 157 -7.33 29.25 -26.51
CA GLY A 157 -8.02 28.02 -26.85
C GLY A 157 -8.95 27.48 -25.77
N PHE A 158 -8.74 27.89 -24.51
CA PHE A 158 -9.48 27.27 -23.42
C PHE A 158 -9.90 28.20 -22.31
N LEU A 159 -9.63 29.51 -22.40
CA LEU A 159 -10.25 30.43 -21.45
C LEU A 159 -11.76 30.37 -21.61
N ALA A 160 -12.46 30.33 -20.48
CA ALA A 160 -13.90 30.10 -20.53
C ALA A 160 -14.59 30.82 -19.39
N LEU A 161 -15.70 31.47 -19.72
CA LEU A 161 -16.71 31.88 -18.74
C LEU A 161 -17.96 31.08 -19.06
N PRO A 162 -18.14 29.91 -18.46
CA PRO A 162 -19.16 28.97 -18.93
C PRO A 162 -20.55 29.57 -18.91
N GLY A 163 -21.35 29.21 -19.92
CA GLY A 163 -22.66 29.76 -20.12
C GLY A 163 -22.69 30.98 -21.01
N SER A 164 -21.59 31.73 -21.08
CA SER A 164 -21.55 32.91 -21.92
C SER A 164 -21.52 32.53 -23.39
N ARG A 165 -21.66 33.56 -24.23
CA ARG A 165 -21.63 33.39 -25.68
C ARG A 165 -20.33 33.83 -26.31
N GLU A 166 -19.62 34.77 -25.68
CA GLU A 166 -18.37 35.30 -26.21
C GLU A 166 -17.16 34.50 -25.75
N ALA A 167 -17.32 33.60 -24.78
CA ALA A 167 -16.23 32.74 -24.32
C ALA A 167 -16.81 31.45 -23.78
N PRO A 168 -17.33 30.59 -24.65
CA PRO A 168 -17.99 29.36 -24.18
C PRO A 168 -17.01 28.30 -23.70
N GLY A 169 -15.74 28.38 -24.07
CA GLY A 169 -14.76 27.39 -23.68
C GLY A 169 -14.66 26.25 -24.67
N ASN A 170 -13.58 25.48 -24.51
CA ASN A 170 -13.30 24.29 -25.33
C ASN A 170 -13.13 24.62 -26.80
N VAL A 171 -12.87 25.90 -27.15
CA VAL A 171 -12.73 26.23 -28.56
C VAL A 171 -11.50 25.56 -29.16
N GLY A 172 -10.49 25.29 -28.34
CA GLY A 172 -9.34 24.54 -28.82
C GLY A 172 -9.70 23.12 -29.21
N LEU A 173 -10.62 22.50 -28.47
CA LEU A 173 -11.15 21.20 -28.88
C LEU A 173 -12.02 21.31 -30.12
N LEU A 174 -12.71 22.45 -30.28
CA LEU A 174 -13.52 22.67 -31.47
C LEU A 174 -12.64 22.89 -32.70
N ASP A 175 -11.47 23.51 -32.52
CA ASP A 175 -10.50 23.60 -33.61
C ASP A 175 -10.12 22.21 -34.11
N GLN A 176 -9.89 21.27 -33.19
CA GLN A 176 -9.55 19.91 -33.58
C GLN A 176 -10.70 19.24 -34.30
N ARG A 177 -11.93 19.38 -33.78
CA ARG A 177 -13.09 18.78 -34.42
C ARG A 177 -13.29 19.32 -35.84
N LEU A 178 -13.11 20.62 -36.03
CA LEU A 178 -13.24 21.19 -37.35
C LEU A 178 -12.23 20.60 -38.32
N ALA A 179 -11.03 20.26 -37.84
CA ALA A 179 -10.05 19.61 -38.69
C ALA A 179 -10.45 18.17 -39.00
N LEU A 180 -11.12 17.50 -38.06
CA LEU A 180 -11.61 16.15 -38.35
C LEU A 180 -12.72 16.20 -39.40
N GLN A 181 -13.57 17.23 -39.35
CA GLN A 181 -14.55 17.43 -40.40
C GLN A 181 -13.88 17.71 -41.74
N TRP A 182 -12.81 18.52 -41.72
CA TRP A 182 -12.07 18.78 -42.94
C TRP A 182 -11.50 17.50 -43.53
N VAL A 183 -11.10 16.55 -42.67
CA VAL A 183 -10.60 15.27 -43.18
C VAL A 183 -11.73 14.46 -43.79
N GLN A 184 -12.90 14.45 -43.14
CA GLN A 184 -14.02 13.68 -43.67
C GLN A 184 -14.41 14.14 -45.07
N GLU A 185 -14.38 15.45 -45.31
CA GLU A 185 -14.83 15.98 -46.59
C GLU A 185 -13.73 15.95 -47.65
N ASN A 186 -12.47 16.14 -47.26
CA ASN A 186 -11.42 16.44 -48.23
C ASN A 186 -10.28 15.44 -48.30
N ILE A 187 -10.18 14.48 -47.37
CA ILE A 187 -9.03 13.58 -47.39
C ILE A 187 -9.08 12.63 -48.57
N ALA A 188 -10.25 12.43 -49.18
CA ALA A 188 -10.34 11.55 -50.34
C ALA A 188 -9.58 12.13 -51.53
N ALA A 189 -9.44 13.45 -51.59
CA ALA A 189 -8.68 14.09 -52.65
C ALA A 189 -7.19 13.76 -52.60
N PHE A 190 -6.71 13.21 -51.49
CA PHE A 190 -5.30 12.87 -51.33
C PHE A 190 -5.05 11.37 -51.37
N GLY A 191 -6.10 10.56 -51.49
CA GLY A 191 -5.98 9.13 -51.41
C GLY A 191 -6.32 8.54 -50.06
N GLY A 192 -6.74 9.36 -49.09
CA GLY A 192 -7.07 8.87 -47.79
C GLY A 192 -8.50 8.35 -47.72
N ASP A 193 -8.69 7.30 -46.91
CA ASP A 193 -9.99 6.69 -46.75
C ASP A 193 -10.68 7.30 -45.54
N PRO A 194 -11.70 8.15 -45.73
CA PRO A 194 -12.38 8.76 -44.58
C PRO A 194 -13.16 7.77 -43.72
N MET A 195 -13.28 6.51 -44.15
CA MET A 195 -13.93 5.48 -43.36
C MET A 195 -12.95 4.65 -42.55
N SER A 196 -11.67 5.06 -42.51
CA SER A 196 -10.64 4.42 -41.72
C SER A 196 -9.74 5.53 -41.16
N VAL A 197 -10.29 6.28 -40.21
CA VAL A 197 -9.61 7.42 -39.60
C VAL A 197 -9.30 7.07 -38.16
N THR A 198 -8.01 7.07 -37.81
CA THR A 198 -7.54 6.76 -36.47
C THR A 198 -6.88 7.98 -35.87
N LEU A 199 -7.36 8.40 -34.70
CA LEU A 199 -6.74 9.50 -33.96
C LEU A 199 -5.64 8.96 -33.07
N PHE A 200 -4.53 9.71 -32.98
CA PHE A 200 -3.49 9.38 -32.03
C PHE A 200 -2.80 10.66 -31.57
N GLY A 201 -2.53 10.73 -30.27
CA GLY A 201 -1.92 11.90 -29.67
C GLY A 201 -1.18 11.51 -28.42
N GLU A 202 -0.54 12.51 -27.80
CA GLU A 202 0.29 12.30 -26.63
C GLU A 202 0.08 13.43 -25.64
N SER A 203 0.11 13.10 -24.35
CA SER A 203 -0.05 14.05 -23.24
C SER A 203 -1.40 14.73 -23.40
N ALA A 204 -1.47 16.06 -23.52
CA ALA A 204 -2.74 16.74 -23.73
C ALA A 204 -3.38 16.33 -25.06
N GLY A 205 -2.59 15.88 -26.03
CA GLY A 205 -3.16 15.37 -27.27
C GLY A 205 -3.86 14.03 -27.06
N ALA A 206 -3.30 13.19 -26.20
CA ALA A 206 -3.99 11.95 -25.85
C ALA A 206 -5.26 12.23 -25.07
N ALA A 207 -5.22 13.22 -24.17
CA ALA A 207 -6.44 13.66 -23.50
C ALA A 207 -7.47 14.16 -24.50
N SER A 208 -7.04 15.00 -25.45
CA SER A 208 -7.94 15.49 -26.48
C SER A 208 -8.59 14.35 -27.25
N VAL A 209 -7.80 13.33 -27.61
CA VAL A 209 -8.36 12.15 -28.26
C VAL A 209 -9.44 11.52 -27.41
N GLY A 210 -9.18 11.37 -26.10
CA GLY A 210 -10.16 10.80 -25.21
C GLY A 210 -11.44 11.61 -25.12
N MET A 211 -11.33 12.94 -25.23
CA MET A 211 -12.52 13.78 -25.15
C MET A 211 -13.37 13.67 -26.41
N HIS A 212 -12.75 13.44 -27.57
CA HIS A 212 -13.53 13.16 -28.76
C HIS A 212 -14.28 11.83 -28.64
N ILE A 213 -13.70 10.87 -27.93
CA ILE A 213 -14.40 9.61 -27.66
C ILE A 213 -15.64 9.87 -26.82
N LEU A 214 -15.53 10.78 -25.85
CA LEU A 214 -16.62 11.06 -24.91
C LEU A 214 -17.56 12.15 -25.38
N SER A 215 -17.29 12.78 -26.52
CA SER A 215 -18.17 13.78 -27.10
C SER A 215 -18.76 13.22 -28.38
N LEU A 216 -20.08 13.17 -28.46
CA LEU A 216 -20.77 12.48 -29.55
C LEU A 216 -20.61 13.16 -30.90
N PRO A 217 -20.73 14.49 -31.02
CA PRO A 217 -20.53 15.11 -32.33
C PRO A 217 -19.18 14.83 -32.95
N SER A 218 -18.17 14.51 -32.14
CA SER A 218 -16.84 14.17 -32.65
C SER A 218 -16.72 12.70 -32.99
N ARG A 219 -17.47 11.84 -32.32
CA ARG A 219 -17.29 10.40 -32.46
C ARG A 219 -17.75 9.87 -33.82
N SER A 220 -18.46 10.67 -34.61
CA SER A 220 -18.82 10.30 -35.97
C SER A 220 -17.76 10.67 -36.98
N LEU A 221 -16.60 11.18 -36.53
CA LEU A 221 -15.54 11.65 -37.41
C LEU A 221 -14.31 10.76 -37.37
N PHE A 222 -14.31 9.69 -36.58
CA PHE A 222 -13.18 8.78 -36.52
C PHE A 222 -13.68 7.40 -36.11
N HIS A 223 -12.80 6.41 -36.20
CA HIS A 223 -13.17 5.03 -35.92
C HIS A 223 -12.26 4.33 -34.92
N ARG A 224 -11.02 4.77 -34.73
CA ARG A 224 -10.11 4.18 -33.77
C ARG A 224 -9.30 5.29 -33.12
N ALA A 225 -8.71 4.97 -31.96
CA ALA A 225 -8.05 6.00 -31.17
C ALA A 225 -6.83 5.42 -30.48
N VAL A 226 -5.77 6.22 -30.41
CA VAL A 226 -4.56 5.90 -29.68
C VAL A 226 -4.29 7.02 -28.68
N LEU A 227 -4.07 6.65 -27.42
CA LEU A 227 -3.84 7.62 -26.35
C LEU A 227 -2.50 7.30 -25.70
N GLN A 228 -1.52 8.18 -25.91
CA GLN A 228 -0.16 7.98 -25.42
C GLN A 228 0.09 8.92 -24.25
N SER A 229 0.20 8.34 -23.04
CA SER A 229 0.57 9.08 -21.83
C SER A 229 -0.38 10.25 -21.58
N GLY A 230 -1.68 9.97 -21.69
CA GLY A 230 -2.68 11.00 -21.48
C GLY A 230 -4.09 10.46 -21.53
N THR A 231 -4.98 11.03 -20.72
CA THR A 231 -6.36 10.58 -20.60
C THR A 231 -7.27 11.79 -20.43
N PRO A 232 -8.53 11.68 -20.86
CA PRO A 232 -9.48 12.76 -20.54
C PRO A 232 -9.79 12.83 -19.06
N ASN A 233 -9.90 11.68 -18.40
CA ASN A 233 -10.02 11.66 -16.95
C ASN A 233 -8.66 11.97 -16.31
N GLY A 234 -8.70 12.28 -15.03
CA GLY A 234 -7.48 12.58 -14.30
C GLY A 234 -7.50 13.95 -13.67
N PRO A 235 -6.42 14.31 -12.98
CA PRO A 235 -6.41 15.57 -12.22
C PRO A 235 -6.12 16.82 -13.04
N TRP A 236 -5.58 16.72 -14.25
CA TRP A 236 -5.11 17.88 -14.98
C TRP A 236 -5.84 18.16 -16.29
N ALA A 237 -6.54 17.17 -16.86
CA ALA A 237 -7.04 17.33 -18.23
C ALA A 237 -8.23 18.27 -18.31
N THR A 238 -9.04 18.36 -17.27
CA THR A 238 -10.25 19.19 -17.28
C THR A 238 -10.33 20.01 -16.01
N VAL A 239 -11.22 21.01 -16.04
CA VAL A 239 -11.57 21.80 -14.87
C VAL A 239 -13.09 21.97 -14.86
N SER A 240 -13.63 22.17 -13.67
CA SER A 240 -15.06 22.42 -13.54
C SER A 240 -15.41 23.78 -14.15
N ALA A 241 -16.71 23.98 -14.39
CA ALA A 241 -17.17 25.26 -14.92
C ALA A 241 -16.89 26.39 -13.94
N GLY A 242 -17.05 26.14 -12.65
CA GLY A 242 -16.81 27.19 -11.66
C GLY A 242 -15.35 27.54 -11.51
N GLU A 243 -14.46 26.54 -11.62
CA GLU A 243 -13.04 26.82 -11.54
C GLU A 243 -12.53 27.49 -12.81
N ALA A 244 -13.04 27.08 -13.97
CA ALA A 244 -12.69 27.76 -15.21
C ALA A 244 -13.17 29.20 -15.22
N ARG A 245 -14.34 29.45 -14.63
CA ARG A 245 -14.83 30.82 -14.52
C ARG A 245 -13.95 31.64 -13.58
N ARG A 246 -13.51 31.02 -12.48
CA ARG A 246 -12.67 31.74 -11.52
C ARG A 246 -11.32 32.10 -12.12
N ARG A 247 -10.68 31.14 -12.80
CA ARG A 247 -9.39 31.42 -13.41
C ARG A 247 -9.50 32.47 -14.51
N ALA A 248 -10.62 32.49 -15.23
CA ALA A 248 -10.78 33.45 -16.32
C ALA A 248 -11.03 34.86 -15.78
N THR A 249 -11.88 34.98 -14.76
CA THR A 249 -12.13 36.31 -14.20
C THR A 249 -10.92 36.84 -13.44
N LEU A 250 -10.09 35.94 -12.90
CA LEU A 250 -8.88 36.38 -12.22
C LEU A 250 -7.85 36.89 -13.22
N LEU A 251 -7.65 36.16 -14.33
CA LEU A 251 -6.73 36.62 -15.36
C LEU A 251 -7.15 37.97 -15.92
N ALA A 252 -8.46 38.19 -16.06
CA ALA A 252 -8.95 39.48 -16.53
C ALA A 252 -8.57 40.59 -15.57
N ARG A 253 -8.64 40.33 -14.26
CA ARG A 253 -8.21 41.31 -13.28
C ARG A 253 -6.72 41.59 -13.39
N LEU A 254 -5.91 40.53 -13.56
CA LEU A 254 -4.47 40.68 -13.61
C LEU A 254 -3.97 41.44 -14.83
N VAL A 255 -4.82 41.63 -15.85
CA VAL A 255 -4.47 42.41 -17.04
C VAL A 255 -5.24 43.70 -17.13
N GLY A 256 -6.15 43.96 -16.20
CA GLY A 256 -6.86 45.23 -16.18
C GLY A 256 -8.28 45.19 -16.69
N CYS A 257 -8.99 44.10 -16.41
CA CYS A 257 -10.38 43.96 -16.82
C CYS A 257 -11.26 43.52 -15.67
N ASN A 265 -20.98 41.12 -15.61
CA ASN A 265 -21.38 40.94 -17.00
C ASN A 265 -20.22 40.39 -17.83
N ASP A 266 -20.41 39.20 -18.39
CA ASP A 266 -19.34 38.55 -19.13
C ASP A 266 -18.97 39.30 -20.39
N THR A 267 -19.95 39.89 -21.08
CA THR A 267 -19.69 40.54 -22.36
C THR A 267 -18.63 41.63 -22.22
N GLU A 268 -18.81 42.54 -21.25
CA GLU A 268 -17.83 43.59 -21.04
C GLU A 268 -16.47 43.03 -20.66
N LEU A 269 -16.44 41.90 -19.94
CA LEU A 269 -15.18 41.32 -19.50
C LEU A 269 -14.38 40.78 -20.69
N ILE A 270 -15.02 39.96 -21.53
CA ILE A 270 -14.31 39.36 -22.65
C ILE A 270 -14.00 40.41 -23.71
N ALA A 271 -14.88 41.40 -23.87
CA ALA A 271 -14.59 42.50 -24.78
C ALA A 271 -13.31 43.23 -24.37
N CYS A 272 -13.03 43.28 -23.06
CA CYS A 272 -11.77 43.85 -22.60
C CYS A 272 -10.61 42.92 -22.89
N LEU A 273 -10.78 41.61 -22.65
CA LEU A 273 -9.72 40.65 -22.91
C LEU A 273 -9.34 40.62 -24.39
N ARG A 274 -10.32 40.82 -25.28
CA ARG A 274 -10.02 40.83 -26.70
C ARG A 274 -9.20 42.04 -27.12
N THR A 275 -9.20 43.11 -26.31
CA THR A 275 -8.39 44.28 -26.60
C THR A 275 -6.96 44.16 -26.07
N ARG A 276 -6.65 43.09 -25.34
CA ARG A 276 -5.30 42.94 -24.83
C ARG A 276 -4.40 42.28 -25.87
N PRO A 277 -3.12 42.63 -25.89
CA PRO A 277 -2.18 41.93 -26.78
C PRO A 277 -2.08 40.46 -26.42
N ALA A 278 -1.80 39.64 -27.42
CA ALA A 278 -1.68 38.19 -27.19
C ALA A 278 -0.58 37.89 -26.18
N GLN A 279 0.53 38.62 -26.24
CA GLN A 279 1.62 38.38 -25.30
C GLN A 279 1.24 38.77 -23.88
N ASP A 280 0.28 39.70 -23.73
CA ASP A 280 -0.13 40.11 -22.39
C ASP A 280 -0.89 39.00 -21.67
N LEU A 281 -1.71 38.25 -22.41
CA LEU A 281 -2.40 37.12 -21.81
C LEU A 281 -1.42 36.00 -21.46
N VAL A 282 -0.41 35.78 -22.31
CA VAL A 282 0.58 34.74 -22.04
C VAL A 282 1.42 35.10 -20.82
N ASP A 283 1.72 36.39 -20.65
CA ASP A 283 2.56 36.81 -19.53
C ASP A 283 1.90 36.56 -18.18
N HIS A 284 0.57 36.55 -18.13
CA HIS A 284 -0.17 36.34 -16.90
C HIS A 284 -0.88 34.98 -16.85
N GLU A 285 -0.67 34.13 -17.86
CA GLU A 285 -1.40 32.87 -17.96
C GLU A 285 -1.16 31.98 -16.75
N TRP A 286 0.06 31.98 -16.22
CA TRP A 286 0.44 31.07 -15.14
C TRP A 286 0.13 31.61 -13.75
N HIS A 287 -0.36 32.85 -13.64
CA HIS A 287 -0.60 33.45 -12.34
C HIS A 287 -1.95 33.08 -11.74
N VAL A 288 -2.75 32.24 -12.41
CA VAL A 288 -4.11 31.98 -11.98
C VAL A 288 -4.28 30.57 -11.43
N LEU A 289 -3.18 29.82 -11.26
CA LEU A 289 -3.29 28.49 -10.70
C LEU A 289 -3.63 28.57 -9.21
N PRO A 290 -4.52 27.71 -8.72
CA PRO A 290 -4.95 27.85 -7.31
C PRO A 290 -3.85 27.59 -6.29
N GLN A 291 -2.89 26.70 -6.57
CA GLN A 291 -1.79 26.44 -5.67
C GLN A 291 -0.50 26.21 -6.44
N GLU A 292 0.61 26.32 -5.71
CA GLU A 292 1.91 25.91 -6.20
C GLU A 292 1.87 24.46 -6.64
N SER A 293 2.11 24.20 -7.92
CA SER A 293 1.86 22.88 -8.46
C SER A 293 2.73 22.61 -9.68
N ILE A 294 2.92 21.33 -9.96
CA ILE A 294 3.49 20.85 -11.21
C ILE A 294 2.45 19.93 -11.85
N PHE A 295 2.56 19.79 -13.18
CA PHE A 295 1.60 19.01 -13.97
C PHE A 295 0.17 19.56 -13.82
N ARG A 296 0.06 20.86 -13.58
CA ARG A 296 -1.22 21.56 -13.56
C ARG A 296 -1.13 22.74 -14.54
N PHE A 297 -2.22 22.97 -15.26
CA PHE A 297 -2.22 23.95 -16.33
C PHE A 297 -3.45 24.84 -16.19
N SER A 298 -3.26 26.14 -16.43
CA SER A 298 -4.26 27.13 -16.07
C SER A 298 -5.53 26.97 -16.89
N PHE A 299 -5.39 26.86 -18.21
CA PHE A 299 -6.56 26.86 -19.11
C PHE A 299 -6.56 25.56 -19.91
N VAL A 300 -7.49 24.68 -19.56
CA VAL A 300 -7.62 23.35 -20.15
C VAL A 300 -9.11 23.17 -20.52
N PRO A 301 -9.51 22.04 -21.11
CA PRO A 301 -10.94 21.83 -21.36
C PRO A 301 -11.79 21.97 -20.11
N VAL A 302 -12.97 22.54 -20.27
CA VAL A 302 -13.90 22.78 -19.17
C VAL A 302 -15.10 21.84 -19.34
N VAL A 303 -15.56 21.30 -18.21
CA VAL A 303 -16.80 20.51 -18.19
C VAL A 303 -17.97 21.47 -18.31
N ASP A 304 -18.44 21.68 -19.53
CA ASP A 304 -19.42 22.71 -19.83
C ASP A 304 -20.84 22.18 -19.99
N GLY A 305 -21.04 20.88 -19.85
CA GLY A 305 -22.35 20.31 -20.16
C GLY A 305 -22.73 20.42 -21.61
N ASP A 306 -21.76 20.53 -22.51
CA ASP A 306 -22.00 20.71 -23.93
C ASP A 306 -21.08 19.80 -24.72
N PHE A 307 -19.83 20.23 -24.92
CA PHE A 307 -18.82 19.32 -25.47
C PHE A 307 -18.62 18.12 -24.56
N LEU A 308 -18.47 18.38 -23.26
CA LEU A 308 -18.42 17.33 -22.25
C LEU A 308 -19.72 17.43 -21.45
N SER A 309 -20.64 16.49 -21.69
CA SER A 309 -21.92 16.52 -21.00
C SER A 309 -21.77 16.35 -19.50
N ASP A 310 -20.78 15.55 -19.08
CA ASP A 310 -20.48 15.37 -17.67
C ASP A 310 -18.96 15.30 -17.54
N THR A 311 -18.48 14.99 -16.34
CA THR A 311 -17.05 14.82 -16.15
C THR A 311 -16.56 13.61 -16.93
N PRO A 312 -15.28 13.59 -17.31
CA PRO A 312 -14.75 12.39 -17.99
C PRO A 312 -14.90 11.13 -17.18
N GLU A 313 -14.76 11.20 -15.86
CA GLU A 313 -14.95 10.03 -15.02
C GLU A 313 -16.39 9.52 -15.09
N ALA A 314 -17.35 10.44 -15.11
CA ALA A 314 -18.75 10.04 -15.18
C ALA A 314 -19.09 9.40 -16.53
N LEU A 315 -18.43 9.84 -17.60
CA LEU A 315 -18.80 9.35 -18.93
C LEU A 315 -18.15 8.00 -19.25
N ILE A 316 -16.92 7.77 -18.79
CA ILE A 316 -16.31 6.47 -19.01
C ILE A 316 -16.94 5.41 -18.11
N ASN A 317 -17.56 5.82 -16.99
CA ASN A 317 -18.28 4.88 -16.15
C ASN A 317 -19.64 4.53 -16.73
N THR A 318 -20.28 5.47 -17.44
CA THR A 318 -21.63 5.30 -17.98
C THR A 318 -21.60 5.56 -19.48
N GLY A 319 -20.99 4.64 -20.23
CA GLY A 319 -20.90 4.80 -21.67
C GLY A 319 -20.60 3.49 -22.38
N ASP A 320 -21.25 3.27 -23.53
CA ASP A 320 -21.09 2.01 -24.27
C ASP A 320 -20.00 2.19 -25.32
N PHE A 321 -18.99 1.32 -25.29
CA PHE A 321 -17.84 1.42 -26.18
C PHE A 321 -17.58 0.10 -26.92
N GLN A 322 -18.63 -0.69 -27.15
CA GLN A 322 -18.45 -1.93 -27.90
C GLN A 322 -17.93 -1.66 -29.31
N ASP A 323 -18.11 -0.44 -29.80
CA ASP A 323 -17.89 -0.04 -31.17
C ASP A 323 -16.47 0.43 -31.43
N LEU A 324 -15.52 0.07 -30.57
CA LEU A 324 -14.40 0.98 -30.37
C LEU A 324 -13.13 0.24 -29.95
N GLN A 325 -12.06 0.46 -30.71
CA GLN A 325 -10.74 -0.11 -30.43
C GLN A 325 -9.78 1.00 -30.05
N VAL A 326 -9.04 0.82 -28.96
CA VAL A 326 -8.08 1.82 -28.50
C VAL A 326 -6.74 1.17 -28.20
N LEU A 327 -5.69 1.95 -28.38
CA LEU A 327 -4.34 1.62 -27.95
C LEU A 327 -3.90 2.67 -26.93
N VAL A 328 -3.57 2.23 -25.72
CA VAL A 328 -3.14 3.13 -24.65
C VAL A 328 -1.84 2.62 -24.07
N GLY A 329 -1.10 3.53 -23.43
CA GLY A 329 0.15 3.14 -22.82
C GLY A 329 0.83 4.32 -22.16
N VAL A 330 1.98 4.02 -21.55
CA VAL A 330 2.78 5.00 -20.81
C VAL A 330 4.25 4.75 -21.10
N VAL A 331 5.08 5.70 -20.68
CA VAL A 331 6.52 5.51 -20.70
C VAL A 331 6.97 5.15 -19.28
N LYS A 332 8.24 4.78 -19.14
CA LYS A 332 8.71 4.22 -17.88
C LYS A 332 8.78 5.29 -16.78
N ASP A 333 9.03 6.55 -17.15
CA ASP A 333 9.23 7.62 -16.17
C ASP A 333 8.37 8.83 -16.56
N GLU A 334 7.07 8.74 -16.30
CA GLU A 334 6.16 9.80 -16.72
C GLU A 334 6.41 11.11 -15.96
N GLY A 335 6.82 11.03 -14.70
CA GLY A 335 6.87 12.22 -13.87
C GLY A 335 8.21 12.89 -13.71
N SER A 336 9.29 12.22 -14.13
CA SER A 336 10.63 12.75 -13.89
C SER A 336 10.84 14.10 -14.57
N TYR A 337 10.23 14.29 -15.75
CA TYR A 337 10.36 15.55 -16.48
C TYR A 337 9.89 16.73 -15.64
N PHE A 338 8.74 16.58 -14.99
CA PHE A 338 8.07 17.70 -14.34
C PHE A 338 8.70 18.11 -13.01
N LEU A 339 9.63 17.32 -12.48
CA LEU A 339 10.19 17.62 -11.17
C LEU A 339 11.15 18.80 -11.21
N VAL A 340 11.78 19.04 -12.36
CA VAL A 340 12.76 20.11 -12.48
C VAL A 340 12.05 21.42 -12.84
N TYR A 341 10.72 21.44 -12.69
CA TYR A 341 9.92 22.61 -13.03
C TYR A 341 9.10 23.11 -11.86
N GLY A 342 9.60 22.93 -10.64
CA GLY A 342 8.89 23.48 -9.49
C GLY A 342 9.17 22.82 -8.16
N VAL A 343 9.76 21.64 -8.15
CA VAL A 343 10.03 20.91 -6.92
C VAL A 343 11.45 21.23 -6.48
N PRO A 344 11.64 21.82 -5.30
CA PRO A 344 13.00 22.17 -4.87
C PRO A 344 13.87 20.94 -4.65
N GLY A 345 15.11 21.02 -5.11
CA GLY A 345 16.08 19.94 -4.99
C GLY A 345 16.35 19.20 -6.28
N PHE A 346 15.50 19.36 -7.29
CA PHE A 346 15.63 18.66 -8.56
C PHE A 346 16.21 19.58 -9.62
N SER A 347 17.19 19.09 -10.36
CA SER A 347 17.76 19.81 -11.49
C SER A 347 18.22 18.80 -12.53
N LYS A 348 18.28 19.25 -13.78
CA LYS A 348 18.78 18.40 -14.85
C LYS A 348 20.31 18.28 -14.84
N ASP A 349 21.00 19.09 -14.02
CA ASP A 349 22.45 19.15 -14.05
C ASP A 349 23.12 18.33 -12.94
N ASN A 350 22.44 18.08 -11.83
CA ASN A 350 22.95 17.20 -10.80
C ASN A 350 22.04 15.97 -10.68
N GLU A 351 22.44 15.05 -9.80
CA GLU A 351 21.70 13.79 -9.64
C GLU A 351 20.35 13.98 -8.95
N SER A 352 20.06 15.17 -8.43
CA SER A 352 18.77 15.48 -7.81
C SER A 352 18.47 14.56 -6.63
N LEU A 353 19.50 14.13 -5.91
CA LEU A 353 19.29 13.38 -4.69
C LEU A 353 18.72 14.31 -3.63
N ILE A 354 17.57 13.94 -3.07
CA ILE A 354 16.81 14.83 -2.19
C ILE A 354 16.68 14.18 -0.82
N SER A 355 16.28 15.00 0.15
CA SER A 355 16.05 14.55 1.51
C SER A 355 14.58 14.20 1.70
N ARG A 356 14.29 13.57 2.84
CA ARG A 356 12.91 13.23 3.16
C ARG A 356 12.05 14.48 3.30
N ALA A 357 12.63 15.57 3.80
CA ALA A 357 11.89 16.82 3.90
C ALA A 357 11.53 17.35 2.53
N GLN A 358 12.48 17.33 1.60
CA GLN A 358 12.19 17.77 0.23
C GLN A 358 11.20 16.87 -0.46
N PHE A 359 11.16 15.58 -0.09
CA PHE A 359 10.19 14.67 -0.67
C PHE A 359 8.77 15.01 -0.22
N LEU A 360 8.59 15.41 1.04
CA LEU A 360 7.27 15.82 1.50
C LEU A 360 6.88 17.16 0.91
N ALA A 361 7.83 18.10 0.83
CA ALA A 361 7.55 19.37 0.17
C ALA A 361 7.13 19.16 -1.27
N GLY A 362 7.75 18.18 -1.94
CA GLY A 362 7.37 17.89 -3.31
C GLY A 362 6.02 17.22 -3.44
N VAL A 363 5.64 16.40 -2.45
CA VAL A 363 4.35 15.73 -2.50
C VAL A 363 3.22 16.74 -2.42
N ARG A 364 3.39 17.81 -1.63
CA ARG A 364 2.39 18.86 -1.59
C ARG A 364 2.30 19.59 -2.93
N ILE A 365 3.42 19.68 -3.66
CA ILE A 365 3.40 20.34 -4.96
C ILE A 365 2.86 19.40 -6.03
N GLY A 366 3.30 18.13 -6.01
CA GLY A 366 2.82 17.19 -7.01
C GLY A 366 1.35 16.85 -6.87
N VAL A 367 0.84 16.85 -5.63
CA VAL A 367 -0.58 16.62 -5.39
C VAL A 367 -1.15 17.87 -4.73
N PRO A 368 -1.37 18.95 -5.48
CA PRO A 368 -1.75 20.23 -4.86
C PRO A 368 -3.16 20.23 -4.27
N GLN A 369 -4.00 19.26 -4.60
CA GLN A 369 -5.34 19.20 -4.06
C GLN A 369 -5.45 18.34 -2.81
N ALA A 370 -4.34 17.77 -2.34
CA ALA A 370 -4.39 16.85 -1.21
C ALA A 370 -4.38 17.59 0.10
N SER A 371 -5.22 17.13 1.03
CA SER A 371 -5.20 17.64 2.40
C SER A 371 -3.96 17.12 3.12
N ASP A 372 -3.80 17.56 4.37
CA ASP A 372 -2.65 17.11 5.16
C ASP A 372 -2.68 15.60 5.36
N LEU A 373 -3.86 15.03 5.58
CA LEU A 373 -3.96 13.59 5.77
C LEU A 373 -3.74 12.85 4.46
N ALA A 374 -4.35 13.31 3.37
CA ALA A 374 -4.17 12.65 2.09
C ALA A 374 -2.72 12.71 1.64
N ALA A 375 -2.06 13.86 1.83
CA ALA A 375 -0.64 13.95 1.51
C ALA A 375 0.19 12.98 2.34
N GLU A 376 -0.24 12.71 3.58
CA GLU A 376 0.46 11.75 4.42
C GLU A 376 0.30 10.33 3.87
N ALA A 377 -0.88 10.00 3.35
CA ALA A 377 -1.10 8.68 2.78
C ALA A 377 -0.18 8.44 1.59
N VAL A 378 0.02 9.45 0.74
CA VAL A 378 0.92 9.32 -0.40
C VAL A 378 2.36 9.10 0.08
N VAL A 379 2.77 9.85 1.11
CA VAL A 379 4.16 9.78 1.57
C VAL A 379 4.46 8.39 2.14
N LEU A 380 3.57 7.87 2.98
CA LEU A 380 3.83 6.58 3.61
C LEU A 380 3.69 5.44 2.60
N HIS A 381 2.81 5.59 1.60
CA HIS A 381 2.68 4.54 0.59
C HIS A 381 3.94 4.44 -0.27
N TYR A 382 4.51 5.58 -0.65
CA TYR A 382 5.68 5.62 -1.53
C TYR A 382 7.00 5.57 -0.77
N THR A 383 6.96 5.46 0.56
CA THR A 383 8.19 5.41 1.34
C THR A 383 8.73 3.98 1.38
N ASP A 384 10.03 3.83 1.13
CA ASP A 384 10.73 2.56 1.30
C ASP A 384 11.14 2.47 2.77
N TRP A 385 10.40 1.68 3.55
CA TRP A 385 10.59 1.66 4.99
C TRP A 385 11.83 0.92 5.44
N LEU A 386 12.58 0.32 4.52
CA LEU A 386 13.89 -0.23 4.87
C LEU A 386 15.00 0.79 4.69
N HIS A 387 14.80 1.77 3.82
CA HIS A 387 15.73 2.90 3.67
C HIS A 387 14.90 4.17 3.52
N PRO A 388 14.21 4.59 4.59
CA PRO A 388 13.28 5.72 4.47
C PRO A 388 13.95 7.07 4.28
N GLU A 389 15.28 7.13 4.26
CA GLU A 389 15.99 8.37 4.03
C GLU A 389 17.02 8.25 2.92
N ASP A 390 16.95 7.19 2.12
CA ASP A 390 17.85 7.05 0.99
C ASP A 390 17.51 8.09 -0.07
N PRO A 391 18.43 8.99 -0.42
CA PRO A 391 18.07 10.05 -1.37
C PRO A 391 17.78 9.56 -2.77
N THR A 392 18.32 8.40 -3.17
CA THR A 392 18.02 7.89 -4.51
C THR A 392 16.59 7.38 -4.61
N HIS A 393 16.12 6.64 -3.60
CA HIS A 393 14.75 6.15 -3.63
CA HIS A 393 14.75 6.15 -3.64
C HIS A 393 13.76 7.30 -3.47
N LEU A 394 14.09 8.29 -2.64
CA LEU A 394 13.19 9.42 -2.45
C LEU A 394 13.03 10.22 -3.74
N ARG A 395 14.13 10.44 -4.46
CA ARG A 395 14.04 11.12 -5.75
C ARG A 395 13.20 10.32 -6.74
N ASP A 396 13.41 9.00 -6.78
CA ASP A 396 12.62 8.16 -7.69
C ASP A 396 11.18 8.07 -7.22
N ALA A 397 10.94 8.08 -5.91
CA ALA A 397 9.57 8.07 -5.41
C ALA A 397 8.84 9.34 -5.82
N MET A 398 9.51 10.48 -5.74
CA MET A 398 8.90 11.74 -6.16
C MET A 398 8.51 11.70 -7.63
N SER A 399 9.37 11.12 -8.47
CA SER A 399 9.03 10.94 -9.88
C SER A 399 7.82 10.03 -10.05
N ALA A 400 7.79 8.93 -9.31
CA ALA A 400 6.67 7.99 -9.42
C ALA A 400 5.37 8.59 -8.94
N VAL A 401 5.41 9.45 -7.92
CA VAL A 401 4.19 10.07 -7.42
C VAL A 401 3.54 10.91 -8.52
N VAL A 402 4.33 11.78 -9.15
CA VAL A 402 3.78 12.62 -10.21
C VAL A 402 3.37 11.80 -11.42
N GLY A 403 4.19 10.80 -11.78
CA GLY A 403 3.87 9.98 -12.93
C GLY A 403 2.64 9.11 -12.73
N ASP A 404 2.52 8.50 -11.55
CA ASP A 404 1.37 7.63 -11.29
C ASP A 404 0.10 8.44 -11.12
N HIS A 405 0.18 9.59 -10.44
CA HIS A 405 -1.02 10.36 -10.14
C HIS A 405 -1.62 10.98 -11.40
N ASN A 406 -0.77 11.43 -12.33
CA ASN A 406 -1.23 12.18 -13.49
C ASN A 406 -1.38 11.35 -14.75
N VAL A 407 -0.65 10.25 -14.90
CA VAL A 407 -0.68 9.50 -16.15
C VAL A 407 -1.01 8.03 -15.91
N VAL A 408 -0.12 7.32 -15.21
CA VAL A 408 -0.17 5.86 -15.20
C VAL A 408 -1.49 5.35 -14.63
N CYS A 409 -1.98 5.97 -13.56
CA CYS A 409 -3.21 5.48 -12.95
C CYS A 409 -4.46 6.01 -13.66
N PRO A 410 -4.46 7.26 -14.15
CA PRO A 410 -5.54 7.64 -15.07
C PRO A 410 -5.62 6.73 -16.30
N VAL A 411 -4.47 6.32 -16.84
CA VAL A 411 -4.47 5.39 -17.97
C VAL A 411 -4.98 4.03 -17.53
N ALA A 412 -4.51 3.54 -16.38
CA ALA A 412 -4.98 2.26 -15.87
C ALA A 412 -6.48 2.31 -15.57
N GLN A 413 -6.96 3.44 -15.08
CA GLN A 413 -8.40 3.61 -14.86
C GLN A 413 -9.15 3.59 -16.19
N LEU A 414 -8.63 4.30 -17.20
CA LEU A 414 -9.32 4.39 -18.48
C LEU A 414 -9.38 3.05 -19.20
N ALA A 415 -8.27 2.30 -19.21
CA ALA A 415 -8.25 1.01 -19.89
C ALA A 415 -9.21 0.03 -19.24
N GLY A 416 -9.29 0.05 -17.91
CA GLY A 416 -10.18 -0.87 -17.22
C GLY A 416 -11.65 -0.57 -17.47
N ARG A 417 -12.02 0.71 -17.46
CA ARG A 417 -13.41 1.07 -17.69
C ARG A 417 -13.83 0.78 -19.13
N LEU A 418 -12.98 1.13 -20.10
CA LEU A 418 -13.32 0.89 -21.50
C LEU A 418 -13.45 -0.61 -21.77
N ALA A 419 -12.52 -1.41 -21.24
CA ALA A 419 -12.56 -2.85 -21.49
C ALA A 419 -13.81 -3.49 -20.89
N ALA A 420 -14.16 -3.11 -19.65
CA ALA A 420 -15.35 -3.65 -19.02
C ALA A 420 -16.63 -3.18 -19.70
N GLN A 421 -16.57 -2.10 -20.48
CA GLN A 421 -17.73 -1.60 -21.21
C GLN A 421 -17.74 -2.02 -22.68
N GLY A 422 -16.94 -3.02 -23.04
CA GLY A 422 -17.01 -3.64 -24.35
C GLY A 422 -15.92 -3.22 -25.33
N ALA A 423 -15.11 -2.22 -25.00
CA ALA A 423 -14.12 -1.74 -25.93
C ALA A 423 -12.95 -2.72 -26.07
N ARG A 424 -12.31 -2.69 -27.24
CA ARG A 424 -11.11 -3.48 -27.50
C ARG A 424 -9.89 -2.62 -27.17
N VAL A 425 -9.15 -2.99 -26.13
CA VAL A 425 -8.06 -2.18 -25.60
C VAL A 425 -6.76 -2.97 -25.69
N TYR A 426 -5.72 -2.33 -26.23
CA TYR A 426 -4.36 -2.84 -26.17
C TYR A 426 -3.53 -1.87 -25.35
N ALA A 427 -2.72 -2.40 -24.44
CA ALA A 427 -1.94 -1.57 -23.52
C ALA A 427 -0.46 -1.88 -23.66
N TYR A 428 0.36 -0.86 -23.42
CA TYR A 428 1.81 -0.99 -23.53
C TYR A 428 2.49 -0.16 -22.44
N ILE A 429 3.76 -0.45 -22.20
CA ILE A 429 4.65 0.42 -21.44
C ILE A 429 5.91 0.61 -22.27
N PHE A 430 6.23 1.85 -22.60
CA PHE A 430 7.40 2.17 -23.41
C PHE A 430 8.60 2.31 -22.49
N GLU A 431 9.61 1.47 -22.68
CA GLU A 431 10.72 1.35 -21.74
C GLU A 431 12.08 1.71 -22.31
N HIS A 432 12.21 1.88 -23.62
CA HIS A 432 13.52 2.16 -24.20
C HIS A 432 13.87 3.64 -24.07
N ARG A 433 15.09 3.92 -23.62
CA ARG A 433 15.60 5.28 -23.57
C ARG A 433 16.38 5.56 -24.85
N ALA A 434 16.02 6.65 -25.53
CA ALA A 434 16.69 7.01 -26.76
C ALA A 434 18.17 7.28 -26.50
N SER A 435 19.03 6.68 -27.31
CA SER A 435 20.46 6.93 -27.18
C SER A 435 20.82 8.39 -27.41
N THR A 436 19.93 9.15 -28.04
CA THR A 436 20.15 10.56 -28.36
C THR A 436 19.65 11.50 -27.27
N LEU A 437 19.14 10.97 -26.16
CA LEU A 437 18.51 11.81 -25.15
C LEU A 437 19.53 12.72 -24.48
N THR A 438 19.19 14.00 -24.36
CA THR A 438 20.06 14.99 -23.73
C THR A 438 19.73 15.23 -22.26
N TRP A 439 18.62 14.68 -21.76
CA TRP A 439 18.29 14.78 -20.35
C TRP A 439 19.18 13.84 -19.53
N PRO A 440 19.31 14.08 -18.23
CA PRO A 440 20.17 13.22 -17.41
C PRO A 440 19.61 11.80 -17.31
N LEU A 441 20.50 10.87 -16.93
CA LEU A 441 20.12 9.46 -16.87
C LEU A 441 19.09 9.19 -15.79
N TRP A 442 19.10 9.97 -14.70
CA TRP A 442 18.17 9.69 -13.60
C TRP A 442 16.71 9.92 -14.01
N MET A 443 16.47 10.64 -15.10
CA MET A 443 15.12 10.82 -15.59
C MET A 443 14.59 9.62 -16.36
N GLY A 444 15.45 8.67 -16.72
CA GLY A 444 14.99 7.45 -17.35
C GLY A 444 14.42 7.72 -18.74
N VAL A 445 13.18 7.26 -18.95
CA VAL A 445 12.46 7.52 -20.20
C VAL A 445 11.42 8.60 -19.91
N PRO A 446 11.73 9.87 -20.16
CA PRO A 446 10.84 10.95 -19.72
C PRO A 446 9.56 11.01 -20.54
N HIS A 447 8.67 11.88 -20.08
CA HIS A 447 7.38 12.11 -20.71
C HIS A 447 7.54 12.57 -22.15
N GLY A 448 7.00 11.78 -23.08
CA GLY A 448 6.95 12.18 -24.47
C GLY A 448 8.12 11.75 -25.33
N TYR A 449 9.01 10.90 -24.83
CA TYR A 449 10.18 10.48 -25.59
C TYR A 449 10.00 9.10 -26.21
N GLU A 450 8.75 8.72 -26.50
CA GLU A 450 8.44 7.65 -27.42
C GLU A 450 7.95 8.16 -28.76
N ILE A 451 7.65 9.47 -28.86
CA ILE A 451 7.07 10.01 -30.08
C ILE A 451 8.04 9.91 -31.24
N GLU A 452 9.31 10.25 -31.00
CA GLU A 452 10.31 10.22 -32.06
C GLU A 452 10.52 8.81 -32.62
N PHE A 453 10.16 7.77 -31.87
CA PHE A 453 10.25 6.41 -32.36
C PHE A 453 8.99 5.98 -33.12
N ILE A 454 7.82 6.46 -32.70
CA ILE A 454 6.59 6.09 -33.38
C ILE A 454 6.50 6.76 -34.75
N PHE A 455 6.98 8.00 -34.86
CA PHE A 455 7.05 8.69 -36.14
C PHE A 455 8.23 8.22 -36.99
N GLY A 456 9.09 7.35 -36.47
CA GLY A 456 10.14 6.78 -37.27
C GLY A 456 11.33 7.68 -37.54
N LEU A 457 11.60 8.64 -36.65
CA LEU A 457 12.77 9.49 -36.84
C LEU A 457 14.09 8.74 -36.86
N PRO A 458 14.31 7.66 -36.10
CA PRO A 458 15.60 6.93 -36.22
C PRO A 458 15.91 6.43 -37.62
N LEU A 459 14.95 6.46 -38.55
CA LEU A 459 15.24 6.04 -39.92
C LEU A 459 16.11 7.06 -40.64
N ASP A 460 15.98 8.34 -40.29
CA ASP A 460 16.82 9.39 -40.84
C ASP A 460 18.26 9.11 -40.44
N PRO A 461 19.14 8.79 -41.38
CA PRO A 461 20.51 8.40 -41.01
C PRO A 461 21.30 9.51 -40.33
N SER A 462 20.95 10.77 -40.58
CA SER A 462 21.71 11.90 -40.05
C SER A 462 21.43 12.16 -38.57
N LEU A 463 20.49 11.44 -37.95
CA LEU A 463 20.10 11.72 -36.58
C LEU A 463 20.85 10.88 -35.56
N ASN A 464 21.84 10.11 -35.98
CA ASN A 464 22.80 9.46 -35.08
C ASN A 464 22.14 8.46 -34.13
N TYR A 465 21.04 7.84 -34.56
CA TYR A 465 20.48 6.75 -33.79
C TYR A 465 21.26 5.46 -34.07
N THR A 466 21.09 4.48 -33.18
CA THR A 466 21.72 3.18 -33.39
C THR A 466 20.91 2.36 -34.38
N THR A 467 21.51 1.26 -34.83
CA THR A 467 20.82 0.41 -35.80
C THR A 467 19.68 -0.36 -35.15
N GLU A 468 19.86 -0.79 -33.90
CA GLU A 468 18.76 -1.44 -33.18
C GLU A 468 17.60 -0.48 -32.96
N GLU A 469 17.89 0.81 -32.76
CA GLU A 469 16.83 1.79 -32.61
C GLU A 469 16.09 2.02 -33.92
N ARG A 470 16.79 1.89 -35.06
CA ARG A 470 16.11 1.99 -36.35
C ARG A 470 15.20 0.78 -36.58
N ILE A 471 15.68 -0.42 -36.27
CA ILE A 471 14.84 -1.61 -36.35
C ILE A 471 13.67 -1.51 -35.37
N PHE A 472 13.94 -0.98 -34.18
CA PHE A 472 12.90 -0.82 -33.17
C PHE A 472 11.84 0.17 -33.62
N ALA A 473 12.26 1.28 -34.22
CA ALA A 473 11.30 2.27 -34.70
C ALA A 473 10.38 1.68 -35.78
N GLN A 474 10.95 0.90 -36.69
CA GLN A 474 10.14 0.26 -37.73
C GLN A 474 9.10 -0.68 -37.12
N ARG A 475 9.48 -1.40 -36.07
CA ARG A 475 8.54 -2.31 -35.43
C ARG A 475 7.38 -1.56 -34.79
N LEU A 476 7.66 -0.39 -34.21
CA LEU A 476 6.60 0.41 -33.60
C LEU A 476 5.68 1.02 -34.65
N MET A 477 6.26 1.47 -35.76
CA MET A 477 5.45 2.05 -36.84
C MET A 477 4.45 1.03 -37.38
N LYS A 478 4.86 -0.24 -37.45
CA LYS A 478 3.94 -1.26 -37.92
C LYS A 478 2.89 -1.60 -36.87
N TYR A 479 3.24 -1.55 -35.58
CA TYR A 479 2.25 -1.71 -34.53
C TYR A 479 1.17 -0.65 -34.66
N TRP A 480 1.56 0.61 -34.83
CA TRP A 480 0.60 1.70 -34.90
C TRP A 480 -0.23 1.63 -36.18
N THR A 481 0.41 1.38 -37.32
CA THR A 481 -0.31 1.39 -38.58
C THR A 481 -1.20 0.15 -38.75
N ASN A 482 -0.78 -1.00 -38.22
CA ASN A 482 -1.66 -2.17 -38.25
C ASN A 482 -2.91 -1.93 -37.41
N PHE A 483 -2.75 -1.28 -36.25
CA PHE A 483 -3.93 -0.93 -35.45
C PHE A 483 -4.82 0.05 -36.20
N ALA A 484 -4.22 0.99 -36.94
CA ALA A 484 -5.02 1.90 -37.74
C ALA A 484 -5.74 1.18 -38.87
N ARG A 485 -5.07 0.19 -39.49
CA ARG A 485 -5.67 -0.53 -40.60
C ARG A 485 -6.74 -1.51 -40.14
N THR A 486 -6.49 -2.21 -39.03
CA THR A 486 -7.33 -3.35 -38.64
C THR A 486 -7.96 -3.22 -37.26
N GLY A 487 -7.52 -2.29 -36.43
CA GLY A 487 -7.91 -2.34 -35.03
C GLY A 487 -7.14 -3.35 -34.22
N ASP A 488 -6.01 -3.82 -34.73
CA ASP A 488 -5.19 -4.84 -34.11
C ASP A 488 -3.73 -4.55 -34.44
N PRO A 489 -2.91 -4.21 -33.43
CA PRO A 489 -1.49 -3.95 -33.72
C PRO A 489 -0.73 -5.18 -34.16
N ASN A 490 -1.33 -6.36 -34.09
CA ASN A 490 -0.62 -7.59 -34.41
C ASN A 490 -0.48 -7.78 -35.91
N ASP A 491 0.46 -8.64 -36.28
CA ASP A 491 0.83 -8.85 -37.66
C ASP A 491 0.30 -10.20 -38.13
N PRO A 492 -0.63 -10.24 -39.08
CA PRO A 492 -1.02 -11.54 -39.67
C PRO A 492 0.01 -12.10 -40.64
N ARG A 493 0.85 -11.24 -41.23
CA ARG A 493 1.99 -11.55 -42.10
C ARG A 493 3.22 -12.12 -41.31
N ASP A 494 3.04 -12.40 -40.01
CA ASP A 494 4.14 -12.87 -39.17
C ASP A 494 3.60 -13.45 -37.86
N SER A 495 3.47 -14.77 -37.79
CA SER A 495 3.14 -15.45 -36.55
C SER A 495 4.40 -15.90 -35.79
N LYS A 496 5.59 -15.62 -36.33
CA LYS A 496 6.83 -15.95 -35.65
C LYS A 496 7.16 -14.98 -34.53
N SER A 497 6.55 -13.77 -34.53
CA SER A 497 6.77 -12.90 -33.38
C SER A 497 5.68 -13.13 -32.33
N PRO A 498 5.99 -12.91 -31.05
CA PRO A 498 4.97 -13.02 -30.01
C PRO A 498 3.83 -12.04 -30.25
N GLN A 499 2.64 -12.43 -29.80
CA GLN A 499 1.41 -11.70 -30.08
C GLN A 499 1.06 -10.75 -28.93
N TRP A 500 0.36 -9.67 -29.29
CA TRP A 500 -0.05 -8.62 -28.37
C TRP A 500 -1.50 -8.86 -27.97
N PRO A 501 -1.77 -9.42 -26.78
CA PRO A 501 -3.15 -9.69 -26.40
C PRO A 501 -3.84 -8.42 -25.93
N PRO A 502 -5.16 -8.34 -26.09
CA PRO A 502 -5.89 -7.18 -25.58
C PRO A 502 -5.83 -7.10 -24.06
N TYR A 503 -6.04 -5.89 -23.55
CA TYR A 503 -6.13 -5.67 -22.12
C TYR A 503 -7.55 -5.97 -21.66
N THR A 504 -7.68 -6.89 -20.70
CA THR A 504 -8.97 -7.27 -20.16
C THR A 504 -8.98 -7.04 -18.65
N THR A 505 -10.18 -6.97 -18.08
CA THR A 505 -10.30 -6.83 -16.64
C THR A 505 -9.85 -8.10 -15.91
N ALA A 506 -10.00 -9.26 -16.55
CA ALA A 506 -9.62 -10.51 -15.90
C ALA A 506 -8.11 -10.67 -15.84
N ALA A 507 -7.43 -10.54 -16.98
CA ALA A 507 -6.00 -10.80 -17.06
C ALA A 507 -5.14 -9.55 -16.96
N GLN A 508 -5.66 -8.39 -17.36
CA GLN A 508 -4.94 -7.12 -17.27
C GLN A 508 -3.59 -7.20 -17.98
N GLN A 509 -3.61 -7.68 -19.21
CA GLN A 509 -2.38 -7.92 -19.96
C GLN A 509 -1.96 -6.66 -20.73
N TYR A 510 -0.67 -6.37 -20.68
CA TYR A 510 -0.06 -5.33 -21.48
C TYR A 510 1.32 -5.82 -21.93
N VAL A 511 1.93 -5.08 -22.84
CA VAL A 511 3.21 -5.49 -23.40
C VAL A 511 4.26 -4.43 -23.12
N SER A 512 5.52 -4.85 -23.16
CA SER A 512 6.65 -3.95 -23.01
C SER A 512 7.21 -3.62 -24.40
N LEU A 513 7.42 -2.34 -24.65
CA LEU A 513 7.97 -1.86 -25.92
C LEU A 513 9.41 -1.43 -25.66
N ASN A 514 10.36 -2.28 -26.05
CA ASN A 514 11.77 -1.97 -25.96
C ASN A 514 12.51 -2.71 -27.08
N LEU A 515 13.84 -2.74 -27.00
CA LEU A 515 14.67 -3.32 -28.05
C LEU A 515 14.59 -4.85 -28.10
N LYS A 516 13.71 -5.48 -27.34
CA LYS A 516 13.57 -6.92 -27.30
C LYS A 516 12.16 -7.31 -27.73
N PRO A 517 11.93 -8.59 -28.08
CA PRO A 517 10.60 -8.99 -28.55
C PRO A 517 9.52 -8.67 -27.52
N LEU A 518 8.29 -8.55 -28.00
CA LEU A 518 7.16 -8.24 -27.14
C LEU A 518 7.08 -9.23 -25.98
N GLU A 519 6.92 -8.70 -24.78
CA GLU A 519 6.82 -9.49 -23.56
C GLU A 519 5.55 -9.10 -22.83
N VAL A 520 4.70 -10.07 -22.56
CA VAL A 520 3.41 -9.80 -21.93
C VAL A 520 3.58 -9.70 -20.41
N ARG A 521 2.96 -8.68 -19.82
CA ARG A 521 2.94 -8.49 -18.38
C ARG A 521 1.50 -8.37 -17.93
N ARG A 522 1.28 -8.64 -16.64
CA ARG A 522 -0.05 -8.62 -16.05
C ARG A 522 -0.15 -7.50 -15.02
N GLY A 523 -1.26 -6.78 -15.04
CA GLY A 523 -1.50 -5.71 -14.09
C GLY A 523 -0.65 -4.49 -14.32
N LEU A 524 -1.29 -3.34 -14.54
CA LEU A 524 -0.57 -2.09 -14.80
C LEU A 524 -0.53 -1.29 -13.51
N ARG A 525 0.47 -1.60 -12.68
CA ARG A 525 0.64 -1.00 -11.35
C ARG A 525 -0.67 -1.07 -10.56
N ALA A 526 -1.15 -2.30 -10.39
CA ALA A 526 -2.49 -2.52 -9.86
C ALA A 526 -2.60 -2.08 -8.40
N GLN A 527 -1.62 -2.48 -7.57
CA GLN A 527 -1.69 -2.15 -6.14
C GLN A 527 -1.63 -0.64 -5.93
N THR A 528 -0.65 0.02 -6.53
CA THR A 528 -0.47 1.45 -6.30
C THR A 528 -1.63 2.27 -6.89
N CYS A 529 -2.14 1.87 -8.05
CA CYS A 529 -3.23 2.63 -8.65
C CYS A 529 -4.56 2.40 -7.95
N ALA A 530 -4.71 1.31 -7.20
CA ALA A 530 -5.88 1.16 -6.34
C ALA A 530 -5.90 2.23 -5.26
N PHE A 531 -4.72 2.66 -4.80
CA PHE A 531 -4.65 3.78 -3.88
C PHE A 531 -5.11 5.07 -4.55
N TRP A 532 -4.62 5.34 -5.76
CA TRP A 532 -4.94 6.60 -6.42
C TRP A 532 -6.38 6.61 -6.94
N ASN A 533 -6.83 5.50 -7.52
CA ASN A 533 -8.11 5.48 -8.21
C ASN A 533 -9.29 5.12 -7.31
N ARG A 534 -9.05 4.39 -6.21
CA ARG A 534 -10.14 3.91 -5.37
C ARG A 534 -10.13 4.54 -3.98
N PHE A 535 -8.97 4.60 -3.32
CA PHE A 535 -8.95 5.04 -1.93
C PHE A 535 -8.89 6.56 -1.81
N LEU A 536 -7.95 7.19 -2.53
CA LEU A 536 -7.75 8.63 -2.38
C LEU A 536 -9.00 9.45 -2.64
N PRO A 537 -9.84 9.15 -3.64
CA PRO A 537 -11.09 9.94 -3.78
C PRO A 537 -11.99 9.86 -2.56
N LYS A 538 -12.15 8.68 -1.97
CA LYS A 538 -13.01 8.54 -0.80
C LYS A 538 -12.44 9.30 0.40
N LEU A 539 -11.11 9.21 0.61
CA LEU A 539 -10.50 9.92 1.72
C LEU A 539 -10.56 11.43 1.53
N LEU A 540 -10.47 11.89 0.27
CA LEU A 540 -10.56 13.31 -0.01
C LEU A 540 -11.95 13.88 0.29
N SER A 541 -12.91 13.03 0.64
CA SER A 541 -14.19 13.48 1.17
C SER A 541 -14.16 13.61 2.70
N ALA A 542 -13.10 14.19 3.23
CA ALA A 542 -12.93 14.36 4.68
C ALA A 542 -11.83 15.38 4.95
N GLU B 4 13.27 -39.98 53.44
CA GLU B 4 13.20 -40.18 51.99
C GLU B 4 14.21 -39.29 51.27
N ASP B 5 14.00 -39.10 49.97
CA ASP B 5 14.95 -38.38 49.12
C ASP B 5 15.14 -36.95 49.62
N PRO B 6 16.36 -36.55 50.00
CA PRO B 6 16.58 -35.16 50.41
C PRO B 6 16.62 -34.17 49.27
N GLN B 7 16.93 -34.62 48.05
CA GLN B 7 16.95 -33.72 46.90
C GLN B 7 15.57 -33.15 46.59
N LEU B 8 14.51 -33.78 47.10
CA LEU B 8 13.14 -33.32 46.90
C LEU B 8 12.57 -32.65 48.14
N LEU B 9 13.42 -32.23 49.07
CA LEU B 9 13.01 -31.55 50.30
C LEU B 9 13.66 -30.18 50.32
N VAL B 10 12.84 -29.14 50.19
CA VAL B 10 13.30 -27.76 50.14
C VAL B 10 12.61 -26.96 51.24
N ARG B 11 13.34 -26.02 51.82
CA ARG B 11 12.81 -25.12 52.83
C ARG B 11 12.76 -23.70 52.25
N VAL B 12 11.56 -23.20 52.01
CA VAL B 12 11.36 -21.82 51.59
C VAL B 12 10.99 -21.00 52.82
N ARG B 13 10.78 -19.68 52.64
CA ARG B 13 10.50 -18.82 53.78
C ARG B 13 9.17 -19.09 54.45
N GLY B 14 8.35 -20.00 53.91
CA GLY B 14 7.04 -20.23 54.47
C GLY B 14 6.87 -21.61 55.06
N GLY B 15 7.87 -22.47 54.88
CA GLY B 15 7.82 -23.82 55.40
C GLY B 15 8.63 -24.75 54.53
N GLN B 16 8.38 -26.04 54.70
CA GLN B 16 9.09 -27.09 53.98
C GLN B 16 8.22 -27.67 52.88
N LEU B 17 8.85 -28.03 51.77
CA LEU B 17 8.18 -28.60 50.61
C LEU B 17 8.74 -29.98 50.32
N ARG B 18 7.89 -30.85 49.77
CA ARG B 18 8.32 -32.14 49.26
C ARG B 18 8.09 -32.16 47.76
N GLY B 19 9.17 -32.26 47.00
CA GLY B 19 9.09 -32.37 45.56
C GLY B 19 8.90 -33.80 45.12
N ILE B 20 9.01 -34.00 43.81
CA ILE B 20 8.84 -35.31 43.20
C ILE B 20 9.83 -35.43 42.05
N ARG B 21 10.60 -36.52 42.05
CA ARG B 21 11.55 -36.77 40.98
C ARG B 21 10.78 -37.29 39.76
N LEU B 22 10.78 -36.51 38.68
CA LEU B 22 10.14 -36.90 37.44
C LEU B 22 11.20 -37.40 36.45
N LYS B 23 10.72 -38.11 35.43
CA LYS B 23 11.59 -38.78 34.47
C LYS B 23 11.50 -38.07 33.13
N ALA B 24 12.61 -37.45 32.72
CA ALA B 24 12.79 -36.88 31.40
C ALA B 24 13.56 -37.85 30.52
N PRO B 25 13.47 -37.72 29.20
CA PRO B 25 14.12 -38.71 28.32
C PRO B 25 15.61 -38.86 28.54
N GLY B 26 16.30 -37.82 29.00
CA GLY B 26 17.72 -37.88 29.24
C GLY B 26 18.15 -38.06 30.68
N GLY B 27 17.20 -38.09 31.61
CA GLY B 27 17.53 -38.24 33.02
C GLY B 27 16.40 -37.74 33.90
N PRO B 28 16.63 -37.77 35.22
CA PRO B 28 15.59 -37.32 36.15
C PRO B 28 15.65 -35.81 36.37
N VAL B 29 14.53 -35.29 36.89
CA VAL B 29 14.42 -33.88 37.26
C VAL B 29 13.61 -33.78 38.54
N SER B 30 13.90 -32.74 39.32
CA SER B 30 13.14 -32.45 40.53
C SER B 30 12.04 -31.45 40.22
N ALA B 31 10.81 -31.79 40.57
CA ALA B 31 9.66 -30.93 40.33
C ALA B 31 8.99 -30.58 41.65
N PHE B 32 8.50 -29.34 41.75
CA PHE B 32 7.83 -28.83 42.94
C PHE B 32 6.57 -28.12 42.48
N LEU B 33 5.47 -28.86 42.39
CA LEU B 33 4.24 -28.38 41.78
C LEU B 33 3.22 -28.02 42.85
N GLY B 34 2.53 -26.90 42.65
CA GLY B 34 1.46 -26.50 43.54
C GLY B 34 1.89 -25.72 44.77
N ILE B 35 3.04 -25.06 44.73
CA ILE B 35 3.51 -24.26 45.86
C ILE B 35 2.64 -23.02 45.99
N PRO B 36 2.00 -22.79 47.13
CA PRO B 36 1.21 -21.57 47.30
C PRO B 36 2.12 -20.35 47.48
N PHE B 37 1.84 -19.30 46.71
CA PHE B 37 2.55 -18.04 46.86
C PHE B 37 1.65 -16.91 47.34
N ALA B 38 0.37 -17.20 47.59
CA ALA B 38 -0.55 -16.16 48.01
C ALA B 38 -1.73 -16.80 48.73
N GLU B 39 -2.39 -16.00 49.57
CA GLU B 39 -3.63 -16.43 50.19
C GLU B 39 -4.69 -16.63 49.12
N PRO B 40 -5.51 -17.68 49.22
CA PRO B 40 -6.55 -17.91 48.21
C PRO B 40 -7.49 -16.72 48.11
N PRO B 41 -7.53 -16.06 46.94
CA PRO B 41 -8.36 -14.86 46.76
C PRO B 41 -9.85 -15.19 46.62
N VAL B 42 -10.42 -15.76 47.69
CA VAL B 42 -11.81 -16.20 47.68
C VAL B 42 -12.62 -15.32 48.61
N GLY B 43 -13.93 -15.35 48.41
CA GLY B 43 -14.86 -14.60 49.23
C GLY B 43 -14.63 -13.10 49.21
N SER B 44 -14.17 -12.54 50.33
CA SER B 44 -14.00 -11.09 50.43
C SER B 44 -12.83 -10.59 49.62
N ARG B 45 -11.91 -11.47 49.21
CA ARG B 45 -10.74 -11.06 48.44
C ARG B 45 -10.91 -11.24 46.94
N ARG B 46 -12.08 -11.66 46.48
CA ARG B 46 -12.36 -11.65 45.05
C ARG B 46 -12.22 -10.22 44.53
N PHE B 47 -11.55 -10.08 43.39
CA PHE B 47 -11.24 -8.80 42.74
C PHE B 47 -10.19 -8.00 43.49
N MET B 48 -9.60 -8.55 44.55
CA MET B 48 -8.66 -7.81 45.39
C MET B 48 -7.23 -8.19 45.05
N PRO B 49 -6.27 -7.30 45.34
CA PRO B 49 -4.87 -7.66 45.14
C PRO B 49 -4.49 -8.86 45.98
N PRO B 50 -3.56 -9.68 45.52
CA PRO B 50 -3.13 -10.84 46.30
C PRO B 50 -2.28 -10.41 47.49
N GLU B 51 -2.14 -11.32 48.44
CA GLU B 51 -1.34 -11.10 49.64
C GLU B 51 -0.49 -12.33 49.90
N PRO B 52 0.70 -12.16 50.46
CA PRO B 52 1.62 -13.29 50.61
C PRO B 52 1.01 -14.43 51.42
N LYS B 53 1.27 -15.65 50.96
CA LYS B 53 0.78 -16.85 51.64
C LYS B 53 1.35 -16.92 53.05
N ARG B 54 0.47 -17.22 54.01
CA ARG B 54 0.91 -17.39 55.39
C ARG B 54 1.75 -18.65 55.52
N PRO B 55 2.65 -18.70 56.51
CA PRO B 55 3.46 -19.91 56.71
C PRO B 55 2.60 -21.13 57.00
N TRP B 56 3.23 -22.30 56.87
CA TRP B 56 2.55 -23.56 57.11
C TRP B 56 3.43 -24.47 57.96
N SER B 57 2.80 -25.47 58.57
CA SER B 57 3.48 -26.41 59.44
C SER B 57 3.73 -27.72 58.71
N GLY B 58 4.77 -28.43 59.14
CA GLY B 58 5.08 -29.73 58.56
C GLY B 58 5.71 -29.62 57.18
N VAL B 59 5.56 -30.69 56.42
CA VAL B 59 6.09 -30.78 55.07
C VAL B 59 4.92 -30.71 54.09
N LEU B 60 4.82 -29.58 53.39
CA LEU B 60 3.75 -29.39 52.41
C LEU B 60 4.04 -30.21 51.17
N ASP B 61 3.02 -30.93 50.68
CA ASP B 61 3.19 -31.82 49.54
C ASP B 61 3.15 -31.02 48.25
N ALA B 62 4.31 -30.82 47.64
CA ALA B 62 4.41 -30.10 46.37
C ALA B 62 4.75 -31.05 45.23
N THR B 63 3.92 -32.06 45.02
CA THR B 63 4.15 -33.07 43.99
C THR B 63 3.00 -33.14 42.99
N THR B 64 2.05 -32.20 43.03
CA THR B 64 0.85 -32.27 42.22
C THR B 64 0.52 -30.89 41.69
N PHE B 65 0.01 -30.85 40.46
CA PHE B 65 -0.52 -29.61 39.92
C PHE B 65 -1.78 -29.21 40.67
N GLN B 66 -1.84 -27.95 41.09
CA GLN B 66 -2.99 -27.45 41.84
C GLN B 66 -4.12 -27.08 40.88
N ASN B 67 -5.10 -26.35 41.40
CA ASN B 67 -6.31 -26.06 40.65
C ASN B 67 -6.07 -24.95 39.63
N VAL B 68 -6.76 -25.06 38.50
CA VAL B 68 -6.76 -24.03 37.48
C VAL B 68 -7.64 -22.87 37.94
N CYS B 69 -7.17 -21.64 37.73
CA CYS B 69 -7.98 -20.48 38.07
C CYS B 69 -9.30 -20.53 37.31
N TYR B 70 -10.38 -20.16 38.00
CA TYR B 70 -11.70 -20.28 37.40
C TYR B 70 -11.76 -19.43 36.14
N GLN B 71 -12.17 -20.07 35.05
CA GLN B 71 -12.04 -19.46 33.74
C GLN B 71 -13.06 -20.05 32.80
N TYR B 72 -13.27 -19.35 31.69
CA TYR B 72 -14.11 -19.84 30.63
C TYR B 72 -13.46 -21.05 29.94
N VAL B 73 -14.29 -22.02 29.59
CA VAL B 73 -13.83 -23.24 28.92
C VAL B 73 -14.41 -23.28 27.51
N ASP B 74 -13.56 -23.62 26.54
CA ASP B 74 -13.98 -23.57 25.14
C ASP B 74 -14.94 -24.71 24.82
N THR B 75 -15.94 -24.41 23.98
CA THR B 75 -16.98 -25.37 23.63
C THR B 75 -17.16 -25.51 22.12
N LEU B 76 -16.23 -24.99 21.31
CA LEU B 76 -16.45 -24.95 19.87
C LEU B 76 -16.26 -26.32 19.23
N TYR B 77 -15.13 -26.99 19.50
CA TYR B 77 -14.82 -28.28 18.92
C TYR B 77 -14.57 -29.28 20.05
N PRO B 78 -15.64 -29.81 20.66
CA PRO B 78 -15.46 -30.73 21.80
C PRO B 78 -14.77 -32.02 21.37
N GLY B 79 -13.78 -32.44 22.15
CA GLY B 79 -13.02 -33.63 21.85
C GLY B 79 -11.89 -33.44 20.87
N PHE B 80 -11.83 -32.30 20.19
CA PHE B 80 -10.78 -32.03 19.21
C PHE B 80 -9.49 -31.63 19.92
N GLU B 81 -8.39 -32.31 19.57
CA GLU B 81 -7.13 -32.09 20.27
C GLU B 81 -6.65 -30.66 20.13
N GLY B 82 -6.95 -30.01 19.00
CA GLY B 82 -6.43 -28.67 18.77
C GLY B 82 -6.94 -27.63 19.74
N THR B 83 -8.16 -27.81 20.24
CA THR B 83 -8.74 -26.89 21.22
C THR B 83 -8.59 -27.37 22.66
N GLU B 84 -8.72 -28.69 22.89
CA GLU B 84 -8.66 -29.21 24.26
C GLU B 84 -7.27 -29.12 24.87
N MET B 85 -6.22 -29.09 24.05
CA MET B 85 -4.87 -28.98 24.57
C MET B 85 -4.64 -27.66 25.32
N TRP B 86 -5.52 -26.68 25.12
CA TRP B 86 -5.48 -25.43 25.86
C TRP B 86 -6.52 -25.37 26.98
N ASN B 87 -7.45 -26.32 27.02
CA ASN B 87 -8.47 -26.33 28.05
C ASN B 87 -7.88 -26.75 29.39
N PRO B 88 -8.51 -26.36 30.50
CA PRO B 88 -7.98 -26.71 31.82
C PRO B 88 -7.89 -28.22 32.01
N ASN B 89 -6.74 -28.68 32.51
CA ASN B 89 -6.51 -30.08 32.83
C ASN B 89 -6.61 -30.35 34.33
N ARG B 90 -7.09 -29.39 35.11
CA ARG B 90 -7.37 -29.58 36.52
C ARG B 90 -8.71 -28.92 36.83
N GLU B 91 -9.23 -29.18 38.02
CA GLU B 91 -10.52 -28.65 38.41
C GLU B 91 -10.45 -27.14 38.63
N LEU B 92 -11.49 -26.43 38.18
CA LEU B 92 -11.52 -24.98 38.33
C LEU B 92 -11.79 -24.59 39.78
N SER B 93 -11.21 -23.47 40.18
CA SER B 93 -11.36 -22.96 41.54
C SER B 93 -10.79 -21.56 41.58
N GLU B 94 -11.44 -20.67 42.35
CA GLU B 94 -10.87 -19.37 42.61
C GLU B 94 -9.65 -19.46 43.53
N ASP B 95 -9.52 -20.57 44.26
CA ASP B 95 -8.32 -20.86 45.04
C ASP B 95 -7.32 -21.50 44.09
N CYS B 96 -6.47 -20.67 43.50
CA CYS B 96 -5.61 -21.13 42.42
C CYS B 96 -4.24 -20.47 42.38
N LEU B 97 -3.89 -19.59 43.30
CA LEU B 97 -2.62 -18.88 43.25
C LEU B 97 -1.51 -19.82 43.73
N TYR B 98 -1.05 -20.66 42.79
CA TYR B 98 0.02 -21.61 43.03
C TYR B 98 1.01 -21.57 41.88
N LEU B 99 2.27 -21.89 42.18
CA LEU B 99 3.31 -21.91 41.17
C LEU B 99 4.05 -23.25 41.21
N ASN B 100 4.83 -23.49 40.16
CA ASN B 100 5.59 -24.72 40.01
C ASN B 100 7.04 -24.39 39.71
N VAL B 101 7.94 -25.28 40.13
CA VAL B 101 9.38 -25.10 39.94
C VAL B 101 9.96 -26.40 39.43
N TRP B 102 10.58 -26.36 38.26
CA TRP B 102 11.38 -27.47 37.76
C TRP B 102 12.86 -27.14 37.91
N THR B 103 13.66 -28.17 38.17
CA THR B 103 15.09 -28.01 38.37
C THR B 103 15.76 -29.33 38.07
N PRO B 104 17.01 -29.33 37.60
CA PRO B 104 17.68 -30.59 37.31
C PRO B 104 17.87 -31.44 38.57
N TYR B 105 18.04 -32.75 38.33
CA TYR B 105 18.26 -33.70 39.40
C TYR B 105 19.65 -34.32 39.24
N PRO B 106 20.55 -34.07 40.22
CA PRO B 106 20.30 -33.37 41.48
C PRO B 106 20.22 -31.85 41.35
N ARG B 107 19.79 -31.21 42.44
CA ARG B 107 19.69 -29.76 42.49
C ARG B 107 21.02 -29.13 42.08
N PRO B 108 20.99 -28.03 41.32
CA PRO B 108 22.25 -27.44 40.81
C PRO B 108 23.20 -27.08 41.94
N ALA B 109 24.50 -27.22 41.67
CA ALA B 109 25.51 -26.86 42.64
C ALA B 109 25.80 -25.37 42.62
N SER B 110 25.80 -24.75 41.44
CA SER B 110 26.00 -23.33 41.27
C SER B 110 24.67 -22.61 41.06
N PRO B 111 24.60 -21.32 41.36
CA PRO B 111 23.39 -20.56 41.04
C PRO B 111 23.09 -20.59 39.56
N THR B 112 21.85 -20.93 39.22
CA THR B 112 21.42 -21.16 37.85
C THR B 112 20.42 -20.09 37.41
N PRO B 113 20.53 -19.58 36.18
CA PRO B 113 19.55 -18.62 35.68
C PRO B 113 18.14 -19.22 35.67
N VAL B 114 17.16 -18.37 35.94
CA VAL B 114 15.78 -18.79 36.11
C VAL B 114 14.94 -18.24 34.97
N LEU B 115 14.14 -19.12 34.37
CA LEU B 115 13.13 -18.73 33.38
C LEU B 115 11.76 -18.82 34.04
N ILE B 116 11.02 -17.72 34.00
CA ILE B 116 9.67 -17.67 34.56
C ILE B 116 8.68 -17.60 33.40
N TRP B 117 7.81 -18.60 33.30
CA TRP B 117 6.83 -18.67 32.23
C TRP B 117 5.51 -18.06 32.68
N ILE B 118 4.94 -17.20 31.84
CA ILE B 118 3.63 -16.59 32.08
C ILE B 118 2.73 -17.02 30.93
N TYR B 119 1.79 -17.91 31.20
CA TYR B 119 0.96 -18.46 30.13
C TYR B 119 0.06 -17.39 29.51
N GLY B 120 -0.41 -17.68 28.30
CA GLY B 120 -1.35 -16.83 27.62
C GLY B 120 -2.78 -17.37 27.70
N GLY B 121 -3.63 -16.80 26.87
CA GLY B 121 -5.03 -17.19 26.86
C GLY B 121 -5.98 -16.02 26.86
N GLY B 122 -5.54 -14.89 26.30
CA GLY B 122 -6.39 -13.72 26.18
C GLY B 122 -6.83 -13.11 27.48
N PHE B 123 -6.09 -13.34 28.56
CA PHE B 123 -6.40 -12.87 29.92
C PHE B 123 -7.73 -13.40 30.44
N TYR B 124 -8.33 -14.39 29.76
CA TYR B 124 -9.57 -15.01 30.23
C TYR B 124 -9.44 -16.50 30.47
N SER B 125 -8.32 -17.13 30.12
CA SER B 125 -8.14 -18.56 30.27
C SER B 125 -6.66 -18.86 30.41
N GLY B 126 -6.35 -20.14 30.50
CA GLY B 126 -4.97 -20.58 30.57
C GLY B 126 -4.62 -21.11 31.95
N ALA B 127 -3.61 -21.98 31.99
CA ALA B 127 -3.11 -22.53 33.24
C ALA B 127 -1.66 -22.97 33.03
N ALA B 128 -0.88 -22.93 34.11
CA ALA B 128 0.53 -23.29 34.04
C ALA B 128 0.75 -24.79 34.14
N SER B 129 -0.30 -25.60 34.08
CA SER B 129 -0.20 -27.05 34.23
C SER B 129 -0.39 -27.79 32.91
N LEU B 130 -0.62 -27.08 31.81
CA LEU B 130 -0.81 -27.74 30.53
C LEU B 130 0.46 -28.47 30.11
N ASP B 131 0.28 -29.52 29.31
CA ASP B 131 1.43 -30.33 28.89
C ASP B 131 2.42 -29.52 28.05
N VAL B 132 1.94 -28.54 27.29
CA VAL B 132 2.83 -27.73 26.46
C VAL B 132 3.71 -26.79 27.28
N TYR B 133 3.42 -26.63 28.57
CA TYR B 133 4.23 -25.80 29.46
C TYR B 133 5.06 -26.63 30.42
N ASP B 134 5.37 -27.87 30.04
CA ASP B 134 6.11 -28.78 30.91
C ASP B 134 7.59 -28.39 30.91
N GLY B 135 8.03 -27.77 32.01
CA GLY B 135 9.42 -27.40 32.19
C GLY B 135 10.38 -28.55 32.41
N ARG B 136 9.92 -29.78 32.19
CA ARG B 136 10.75 -30.96 32.41
C ARG B 136 11.97 -30.96 31.51
N PHE B 137 11.77 -30.69 30.21
CA PHE B 137 12.85 -30.83 29.25
C PHE B 137 13.87 -29.70 29.37
N LEU B 138 13.40 -28.46 29.55
CA LEU B 138 14.32 -27.34 29.69
C LEU B 138 15.18 -27.47 30.94
N ALA B 139 14.63 -28.05 32.00
CA ALA B 139 15.42 -28.25 33.22
C ALA B 139 16.42 -29.38 33.08
N GLN B 140 16.08 -30.42 32.30
CA GLN B 140 16.97 -31.56 32.18
C GLN B 140 18.06 -31.32 31.15
N VAL B 141 17.69 -30.82 29.96
CA VAL B 141 18.65 -30.73 28.87
C VAL B 141 19.54 -29.50 29.03
N GLU B 142 18.98 -28.38 29.46
CA GLU B 142 19.74 -27.15 29.61
C GLU B 142 20.09 -26.82 31.06
N GLY B 143 19.68 -27.66 32.01
CA GLY B 143 19.97 -27.40 33.40
C GLY B 143 19.30 -26.17 33.96
N ALA B 144 18.20 -25.74 33.36
CA ALA B 144 17.56 -24.49 33.75
C ALA B 144 16.63 -24.69 34.95
N VAL B 145 16.52 -23.65 35.76
CA VAL B 145 15.50 -23.58 36.81
C VAL B 145 14.29 -22.87 36.21
N LEU B 146 13.21 -23.59 35.99
CA LEU B 146 12.04 -23.07 35.31
C LEU B 146 10.89 -22.87 36.30
N VAL B 147 10.20 -21.74 36.18
CA VAL B 147 9.12 -21.36 37.07
C VAL B 147 7.90 -20.99 36.22
N SER B 148 6.73 -21.44 36.66
CA SER B 148 5.48 -21.00 36.06
C SER B 148 4.44 -20.85 37.17
N MET B 149 3.64 -19.79 37.07
CA MET B 149 2.64 -19.49 38.09
C MET B 149 1.26 -19.36 37.46
N ASN B 150 0.24 -19.61 38.29
CA ASN B 150 -1.13 -19.34 37.91
C ASN B 150 -1.51 -17.94 38.37
N TYR B 151 -2.22 -17.21 37.52
CA TYR B 151 -2.75 -15.90 37.87
C TYR B 151 -4.23 -15.86 37.50
N ARG B 152 -4.99 -15.09 38.28
CA ARG B 152 -6.42 -14.97 38.04
C ARG B 152 -6.69 -14.37 36.67
N VAL B 153 -7.61 -14.98 35.93
CA VAL B 153 -7.98 -14.54 34.61
C VAL B 153 -9.44 -14.11 34.62
N GLY B 154 -9.88 -13.50 33.52
CA GLY B 154 -11.26 -13.07 33.37
C GLY B 154 -11.66 -12.05 34.42
N THR B 155 -12.93 -12.16 34.85
CA THR B 155 -13.46 -11.22 35.82
C THR B 155 -12.69 -11.29 37.13
N PHE B 156 -12.28 -12.49 37.54
CA PHE B 156 -11.60 -12.64 38.83
C PHE B 156 -10.22 -12.01 38.84
N GLY B 157 -9.62 -11.79 37.68
CA GLY B 157 -8.29 -11.22 37.61
C GLY B 157 -8.24 -9.81 37.08
N PHE B 158 -9.25 -9.38 36.32
CA PHE B 158 -9.16 -8.10 35.65
C PHE B 158 -10.46 -7.29 35.62
N LEU B 159 -11.52 -7.73 36.29
CA LEU B 159 -12.69 -6.87 36.43
C LEU B 159 -12.32 -5.69 37.32
N ALA B 160 -12.55 -4.48 36.81
CA ALA B 160 -12.06 -3.28 37.46
C ALA B 160 -13.16 -2.23 37.50
N LEU B 161 -13.25 -1.54 38.64
CA LEU B 161 -13.99 -0.29 38.76
C LEU B 161 -12.97 0.76 39.17
N PRO B 162 -12.30 1.39 38.19
CA PRO B 162 -11.13 2.20 38.49
C PRO B 162 -11.42 3.29 39.50
N GLY B 163 -10.50 3.48 40.43
CA GLY B 163 -10.65 4.39 41.53
C GLY B 163 -11.21 3.75 42.79
N SER B 164 -12.08 2.74 42.63
CA SER B 164 -12.60 2.03 43.78
C SER B 164 -11.49 1.25 44.46
N ARG B 165 -11.77 0.80 45.67
CA ARG B 165 -10.77 0.09 46.45
C ARG B 165 -11.05 -1.41 46.51
N GLU B 166 -12.30 -1.83 46.36
CA GLU B 166 -12.64 -3.26 46.34
C GLU B 166 -12.41 -3.92 44.99
N ALA B 167 -12.18 -3.14 43.93
CA ALA B 167 -11.85 -3.69 42.62
C ALA B 167 -10.96 -2.70 41.87
N PRO B 168 -9.69 -2.60 42.26
CA PRO B 168 -8.80 -1.62 41.63
C PRO B 168 -8.36 -2.02 40.23
N GLY B 169 -8.49 -3.28 39.86
CA GLY B 169 -8.06 -3.75 38.55
C GLY B 169 -6.62 -4.25 38.55
N ASN B 170 -6.29 -5.00 37.50
CA ASN B 170 -4.96 -5.54 37.27
C ASN B 170 -4.50 -6.48 38.38
N VAL B 171 -5.42 -7.05 39.15
CA VAL B 171 -5.01 -7.95 40.22
C VAL B 171 -4.43 -9.23 39.65
N GLY B 172 -4.84 -9.61 38.44
CA GLY B 172 -4.21 -10.75 37.79
C GLY B 172 -2.75 -10.51 37.49
N LEU B 173 -2.40 -9.28 37.12
CA LEU B 173 -0.99 -8.93 36.94
C LEU B 173 -0.27 -8.90 38.29
N LEU B 174 -0.94 -8.42 39.33
CA LEU B 174 -0.35 -8.41 40.66
C LEU B 174 -0.10 -9.82 41.17
N ASP B 175 -0.92 -10.79 40.76
CA ASP B 175 -0.62 -12.19 41.06
C ASP B 175 0.73 -12.59 40.48
N GLN B 176 0.98 -12.21 39.23
CA GLN B 176 2.25 -12.55 38.59
C GLN B 176 3.42 -11.87 39.31
N ARG B 177 3.24 -10.61 39.72
CA ARG B 177 4.31 -9.90 40.40
C ARG B 177 4.63 -10.52 41.75
N LEU B 178 3.59 -10.97 42.48
CA LEU B 178 3.83 -11.61 43.76
C LEU B 178 4.60 -12.92 43.60
N ALA B 179 4.31 -13.67 42.53
CA ALA B 179 5.11 -14.85 42.24
C ALA B 179 6.53 -14.47 41.84
N LEU B 180 6.70 -13.30 41.22
CA LEU B 180 8.04 -12.83 40.88
C LEU B 180 8.84 -12.50 42.14
N GLN B 181 8.19 -11.90 43.13
CA GLN B 181 8.87 -11.65 44.40
C GLN B 181 9.12 -12.95 45.15
N TRP B 182 8.22 -13.93 45.04
CA TRP B 182 8.46 -15.23 45.65
C TRP B 182 9.72 -15.86 45.07
N VAL B 183 9.95 -15.69 43.76
CA VAL B 183 11.17 -16.20 43.16
C VAL B 183 12.39 -15.47 43.71
N GLN B 184 12.26 -14.16 43.97
CA GLN B 184 13.38 -13.42 44.54
C GLN B 184 13.72 -13.92 45.94
N GLU B 185 12.71 -14.33 46.71
CA GLU B 185 12.90 -14.68 48.11
C GLU B 185 13.19 -16.17 48.34
N ASN B 186 12.90 -17.03 47.37
CA ASN B 186 12.95 -18.47 47.61
C ASN B 186 13.66 -19.29 46.55
N ILE B 187 13.84 -18.78 45.33
CA ILE B 187 14.40 -19.60 44.26
C ILE B 187 15.83 -20.02 44.55
N ALA B 188 16.55 -19.28 45.40
CA ALA B 188 17.91 -19.67 45.75
C ALA B 188 17.94 -21.00 46.48
N ALA B 189 16.89 -21.32 47.24
CA ALA B 189 16.81 -22.61 47.91
C ALA B 189 16.69 -23.77 46.93
N PHE B 190 16.26 -23.50 45.70
CA PHE B 190 16.16 -24.51 44.66
C PHE B 190 17.39 -24.57 43.76
N GLY B 191 18.39 -23.73 44.02
CA GLY B 191 19.55 -23.63 43.14
C GLY B 191 19.45 -22.55 42.09
N GLY B 192 18.35 -21.79 42.05
CA GLY B 192 18.22 -20.74 41.07
C GLY B 192 18.93 -19.47 41.49
N ASP B 193 19.25 -18.66 40.49
CA ASP B 193 19.92 -17.39 40.72
C ASP B 193 18.89 -16.27 40.67
N PRO B 194 18.56 -15.64 41.81
CA PRO B 194 17.61 -14.52 41.76
C PRO B 194 18.15 -13.29 41.06
N MET B 195 19.42 -13.27 40.69
CA MET B 195 20.01 -12.16 39.96
C MET B 195 20.06 -12.41 38.45
N SER B 196 19.54 -13.56 37.98
CA SER B 196 19.42 -13.85 36.55
C SER B 196 18.05 -14.48 36.35
N VAL B 197 17.02 -13.62 36.29
CA VAL B 197 15.65 -14.05 36.09
C VAL B 197 15.18 -13.52 34.74
N THR B 198 14.71 -14.42 33.89
CA THR B 198 14.21 -14.07 32.56
C THR B 198 12.73 -14.44 32.49
N LEU B 199 11.89 -13.45 32.22
CA LEU B 199 10.47 -13.70 31.98
C LEU B 199 10.25 -14.05 30.52
N PHE B 200 9.41 -15.05 30.28
CA PHE B 200 9.00 -15.35 28.91
C PHE B 200 7.58 -15.87 28.91
N GLY B 201 6.78 -15.39 27.96
CA GLY B 201 5.40 -15.78 27.84
C GLY B 201 4.91 -15.58 26.42
N GLU B 202 3.75 -16.15 26.14
CA GLU B 202 3.18 -16.11 24.80
C GLU B 202 1.77 -15.54 24.87
N SER B 203 1.40 -14.81 23.81
CA SER B 203 0.07 -14.20 23.67
C SER B 203 -0.16 -13.26 24.85
N ALA B 204 -1.23 -13.42 25.63
CA ALA B 204 -1.47 -12.55 26.77
C ALA B 204 -0.32 -12.62 27.78
N GLY B 205 0.35 -13.78 27.87
CA GLY B 205 1.54 -13.87 28.70
C GLY B 205 2.66 -12.98 28.21
N ALA B 206 2.82 -12.89 26.88
CA ALA B 206 3.81 -11.97 26.33
C ALA B 206 3.44 -10.52 26.64
N ALA B 207 2.15 -10.19 26.50
CA ALA B 207 1.70 -8.85 26.87
C ALA B 207 1.95 -8.57 28.35
N SER B 208 1.67 -9.55 29.21
CA SER B 208 1.97 -9.39 30.64
C SER B 208 3.44 -9.13 30.87
N VAL B 209 4.30 -9.88 30.18
CA VAL B 209 5.75 -9.64 30.26
C VAL B 209 6.08 -8.20 29.90
N GLY B 210 5.45 -7.69 28.82
CA GLY B 210 5.70 -6.32 28.42
C GLY B 210 5.21 -5.30 29.43
N MET B 211 4.15 -5.64 30.18
CA MET B 211 3.63 -4.70 31.18
C MET B 211 4.48 -4.70 32.44
N HIS B 212 5.13 -5.82 32.77
CA HIS B 212 6.12 -5.78 33.84
C HIS B 212 7.33 -4.94 33.45
N ILE B 213 7.60 -4.84 32.15
CA ILE B 213 8.64 -3.92 31.69
C ILE B 213 8.21 -2.47 31.91
N LEU B 214 6.93 -2.18 31.64
CA LEU B 214 6.41 -0.82 31.71
C LEU B 214 5.87 -0.45 33.09
N SER B 215 5.96 -1.34 34.07
CA SER B 215 5.56 -1.05 35.44
C SER B 215 6.80 -1.15 36.31
N LEU B 216 7.12 -0.08 37.03
CA LEU B 216 8.44 -0.01 37.67
C LEU B 216 8.59 -0.92 38.88
N PRO B 217 7.56 -1.10 39.73
CA PRO B 217 7.71 -2.06 40.83
C PRO B 217 8.07 -3.47 40.37
N SER B 218 7.69 -3.83 39.14
CA SER B 218 8.00 -5.15 38.62
C SER B 218 9.42 -5.26 38.07
N ARG B 219 10.02 -4.13 37.66
CA ARG B 219 11.31 -4.19 36.97
C ARG B 219 12.43 -4.70 37.87
N SER B 220 12.39 -4.39 39.15
CA SER B 220 13.44 -4.90 40.05
C SER B 220 13.28 -6.39 40.36
N LEU B 221 12.40 -7.10 39.67
CA LEU B 221 12.16 -8.52 39.91
C LEU B 221 12.65 -9.42 38.78
N PHE B 222 13.08 -8.84 37.65
CA PHE B 222 13.60 -9.62 36.55
C PHE B 222 14.64 -8.78 35.82
N HIS B 223 15.33 -9.42 34.88
CA HIS B 223 16.42 -8.78 34.16
C HIS B 223 16.26 -8.80 32.65
N ARG B 224 15.63 -9.83 32.10
CA ARG B 224 15.45 -9.96 30.66
C ARG B 224 14.08 -10.53 30.38
N ALA B 225 13.59 -10.29 29.17
CA ALA B 225 12.21 -10.60 28.82
C ALA B 225 12.15 -11.24 27.44
N VAL B 226 11.14 -12.09 27.25
CA VAL B 226 10.83 -12.69 25.95
C VAL B 226 9.33 -12.54 25.72
N LEU B 227 8.96 -11.97 24.58
CA LEU B 227 7.55 -11.72 24.24
C LEU B 227 7.24 -12.48 22.95
N GLN B 228 6.54 -13.60 23.08
CA GLN B 228 6.18 -14.45 21.94
C GLN B 228 4.74 -14.14 21.55
N SER B 229 4.56 -13.52 20.38
CA SER B 229 3.23 -13.33 19.79
C SER B 229 2.32 -12.52 20.71
N GLY B 230 2.85 -11.44 21.27
CA GLY B 230 2.05 -10.58 22.12
C GLY B 230 2.82 -9.37 22.64
N THR B 231 2.11 -8.26 22.83
CA THR B 231 2.72 -7.01 23.28
C THR B 231 1.79 -6.32 24.26
N PRO B 232 2.34 -5.50 25.17
CA PRO B 232 1.46 -4.66 25.99
C PRO B 232 0.73 -3.61 25.18
N ASN B 233 1.39 -3.02 24.19
CA ASN B 233 0.73 -2.15 23.24
C ASN B 233 -0.13 -2.98 22.29
N GLY B 234 -1.10 -2.31 21.66
CA GLY B 234 -1.95 -2.95 20.70
C GLY B 234 -3.42 -2.75 20.98
N PRO B 235 -4.28 -3.32 20.13
CA PRO B 235 -5.71 -3.07 20.24
C PRO B 235 -6.45 -3.95 21.23
N TRP B 236 -5.79 -4.95 21.83
CA TRP B 236 -6.48 -5.92 22.68
C TRP B 236 -5.89 -6.09 24.07
N ALA B 237 -4.64 -5.69 24.31
CA ALA B 237 -3.98 -6.02 25.56
C ALA B 237 -4.49 -5.20 26.74
N THR B 238 -4.95 -3.96 26.51
CA THR B 238 -5.39 -3.09 27.58
C THR B 238 -6.75 -2.49 27.24
N VAL B 239 -7.32 -1.79 28.23
CA VAL B 239 -8.53 -1.01 28.06
C VAL B 239 -8.38 0.26 28.90
N SER B 240 -9.20 1.26 28.57
CA SER B 240 -9.20 2.49 29.34
C SER B 240 -9.99 2.31 30.62
N ALA B 241 -9.76 3.23 31.57
CA ALA B 241 -10.49 3.19 32.83
C ALA B 241 -11.99 3.35 32.61
N GLY B 242 -12.37 4.19 31.65
CA GLY B 242 -13.79 4.38 31.38
C GLY B 242 -14.44 3.15 30.78
N GLU B 243 -13.74 2.48 29.86
CA GLU B 243 -14.30 1.28 29.24
C GLU B 243 -14.30 0.11 30.21
N ALA B 244 -13.28 0.01 31.07
CA ALA B 244 -13.26 -1.02 32.09
C ALA B 244 -14.42 -0.85 33.08
N ARG B 245 -14.72 0.39 33.44
CA ARG B 245 -15.86 0.63 34.33
C ARG B 245 -17.17 0.30 33.63
N ARG B 246 -17.25 0.52 32.31
CA ARG B 246 -18.48 0.20 31.59
C ARG B 246 -18.73 -1.30 31.57
N ARG B 247 -17.69 -2.10 31.30
CA ARG B 247 -17.87 -3.54 31.20
C ARG B 247 -18.17 -4.17 32.56
N ALA B 248 -17.51 -3.67 33.62
CA ALA B 248 -17.78 -4.18 34.95
C ALA B 248 -19.21 -3.84 35.38
N THR B 249 -19.67 -2.63 35.08
CA THR B 249 -21.03 -2.24 35.44
C THR B 249 -22.05 -3.03 34.65
N LEU B 250 -21.80 -3.24 33.35
CA LEU B 250 -22.72 -4.03 32.54
C LEU B 250 -22.76 -5.48 33.00
N LEU B 251 -21.60 -6.01 33.41
CA LEU B 251 -21.56 -7.38 33.91
C LEU B 251 -22.36 -7.52 35.20
N ALA B 252 -22.25 -6.53 36.10
CA ALA B 252 -23.05 -6.55 37.32
C ALA B 252 -24.54 -6.44 37.01
N ARG B 253 -24.91 -5.70 35.96
CA ARG B 253 -26.31 -5.58 35.60
C ARG B 253 -26.88 -6.90 35.10
N LEU B 254 -26.08 -7.66 34.35
CA LEU B 254 -26.53 -8.94 33.81
C LEU B 254 -26.66 -10.01 34.88
N VAL B 255 -26.12 -9.78 36.08
CA VAL B 255 -26.23 -10.74 37.17
C VAL B 255 -27.09 -10.19 38.30
N GLY B 256 -27.87 -9.14 38.05
CA GLY B 256 -28.75 -8.60 39.06
C GLY B 256 -28.08 -7.73 40.09
N CYS B 257 -26.98 -7.08 39.75
CA CYS B 257 -26.29 -6.19 40.68
C CYS B 257 -26.32 -4.75 40.20
N ASN B 265 -22.77 3.74 43.68
CA ASN B 265 -21.84 3.33 44.71
C ASN B 265 -21.07 2.08 44.29
N ASP B 266 -19.75 2.17 44.28
CA ASP B 266 -18.93 1.03 43.86
C ASP B 266 -18.91 -0.06 44.94
N THR B 267 -18.86 0.34 46.21
CA THR B 267 -18.75 -0.64 47.30
C THR B 267 -19.93 -1.60 47.30
N GLU B 268 -21.15 -1.07 47.15
CA GLU B 268 -22.32 -1.95 47.15
C GLU B 268 -22.39 -2.79 45.90
N LEU B 269 -21.90 -2.28 44.77
CA LEU B 269 -21.97 -3.04 43.53
C LEU B 269 -21.04 -4.26 43.55
N ILE B 270 -19.83 -4.10 44.06
CA ILE B 270 -18.87 -5.21 44.09
C ILE B 270 -19.24 -6.20 45.18
N ALA B 271 -19.79 -5.71 46.29
CA ALA B 271 -20.30 -6.59 47.32
C ALA B 271 -21.31 -7.57 46.73
N CYS B 272 -22.19 -7.07 45.85
CA CYS B 272 -23.14 -7.95 45.17
C CYS B 272 -22.43 -8.93 44.24
N LEU B 273 -21.36 -8.49 43.57
CA LEU B 273 -20.62 -9.39 42.69
C LEU B 273 -19.89 -10.46 43.48
N ARG B 274 -19.47 -10.17 44.72
CA ARG B 274 -18.80 -11.17 45.53
C ARG B 274 -19.74 -12.25 46.04
N THR B 275 -21.05 -12.13 45.79
CA THR B 275 -22.03 -13.09 46.29
C THR B 275 -22.51 -14.07 45.23
N ARG B 276 -21.84 -14.14 44.08
CA ARG B 276 -22.32 -15.02 43.04
C ARG B 276 -21.33 -16.14 42.75
N PRO B 277 -21.84 -17.33 42.43
CA PRO B 277 -20.97 -18.41 41.98
C PRO B 277 -20.07 -17.95 40.83
N ALA B 278 -18.89 -18.57 40.75
CA ALA B 278 -17.92 -18.19 39.73
C ALA B 278 -18.49 -18.32 38.33
N GLN B 279 -19.25 -19.39 38.08
CA GLN B 279 -19.79 -19.61 36.74
C GLN B 279 -20.84 -18.57 36.38
N ASP B 280 -21.51 -17.99 37.37
CA ASP B 280 -22.46 -16.90 37.09
C ASP B 280 -21.77 -15.74 36.40
N LEU B 281 -20.57 -15.39 36.83
CA LEU B 281 -19.83 -14.32 36.20
C LEU B 281 -19.30 -14.73 34.83
N VAL B 282 -18.80 -15.97 34.72
CA VAL B 282 -18.29 -16.45 33.44
C VAL B 282 -19.42 -16.56 32.41
N ASP B 283 -20.66 -16.80 32.87
CA ASP B 283 -21.77 -16.95 31.94
C ASP B 283 -22.02 -15.70 31.12
N HIS B 284 -21.64 -14.53 31.64
CA HIS B 284 -21.94 -13.26 30.98
C HIS B 284 -20.70 -12.42 30.70
N GLU B 285 -19.50 -12.98 30.78
CA GLU B 285 -18.32 -12.16 30.55
C GLU B 285 -18.14 -11.86 29.06
N TRP B 286 -18.60 -12.74 28.18
CA TRP B 286 -18.49 -12.50 26.75
C TRP B 286 -19.59 -11.59 26.21
N HIS B 287 -20.49 -11.08 27.07
CA HIS B 287 -21.61 -10.26 26.64
C HIS B 287 -21.40 -8.78 26.90
N VAL B 288 -20.16 -8.36 27.17
CA VAL B 288 -19.87 -6.97 27.47
C VAL B 288 -19.03 -6.28 26.41
N LEU B 289 -18.54 -7.02 25.41
CA LEU B 289 -17.73 -6.40 24.37
C LEU B 289 -18.58 -5.40 23.59
N PRO B 290 -18.06 -4.19 23.31
CA PRO B 290 -18.90 -3.17 22.66
C PRO B 290 -19.27 -3.49 21.22
N GLN B 291 -18.52 -4.36 20.54
CA GLN B 291 -18.82 -4.70 19.16
C GLN B 291 -18.62 -6.19 18.96
N GLU B 292 -19.25 -6.69 17.90
CA GLU B 292 -18.98 -8.04 17.42
C GLU B 292 -17.53 -8.12 16.95
N SER B 293 -16.73 -8.96 17.61
CA SER B 293 -15.29 -8.92 17.42
C SER B 293 -14.69 -10.31 17.47
N ILE B 294 -13.46 -10.41 16.95
CA ILE B 294 -12.55 -11.50 17.25
C ILE B 294 -11.25 -10.87 17.73
N PHE B 295 -10.49 -11.64 18.51
CA PHE B 295 -9.26 -11.16 19.13
C PHE B 295 -9.52 -9.95 20.03
N ARG B 296 -10.70 -9.91 20.65
CA ARG B 296 -11.03 -8.92 21.66
C ARG B 296 -11.52 -9.64 22.90
N PHE B 297 -11.05 -9.21 24.06
CA PHE B 297 -11.32 -9.91 25.31
C PHE B 297 -11.89 -8.94 26.33
N SER B 298 -12.86 -9.43 27.10
CA SER B 298 -13.70 -8.54 27.91
C SER B 298 -12.94 -7.93 29.07
N PHE B 299 -12.21 -8.74 29.82
CA PHE B 299 -11.55 -8.28 31.05
C PHE B 299 -10.06 -8.52 30.92
N VAL B 300 -9.34 -7.45 30.58
CA VAL B 300 -7.91 -7.46 30.30
C VAL B 300 -7.27 -6.44 31.22
N PRO B 301 -5.94 -6.30 31.25
CA PRO B 301 -5.32 -5.21 32.03
C PRO B 301 -5.92 -3.86 31.67
N VAL B 302 -5.87 -2.94 32.63
CA VAL B 302 -6.51 -1.63 32.50
C VAL B 302 -5.47 -0.55 32.77
N VAL B 303 -5.52 0.52 31.99
CA VAL B 303 -4.68 1.69 32.22
C VAL B 303 -5.25 2.42 33.45
N ASP B 304 -4.68 2.15 34.61
CA ASP B 304 -5.22 2.61 35.88
C ASP B 304 -4.46 3.79 36.46
N GLY B 305 -3.36 4.21 35.84
CA GLY B 305 -2.51 5.21 36.44
C GLY B 305 -1.67 4.72 37.59
N ASP B 306 -1.84 3.46 38.01
CA ASP B 306 -1.07 2.89 39.10
C ASP B 306 -0.08 1.86 38.55
N PHE B 307 -0.54 0.64 38.31
CA PHE B 307 0.31 -0.38 37.69
C PHE B 307 0.83 0.12 36.35
N LEU B 308 -0.07 0.61 35.50
CA LEU B 308 0.27 1.25 34.23
C LEU B 308 0.03 2.74 34.40
N SER B 309 1.12 3.51 34.54
CA SER B 309 0.99 4.95 34.75
C SER B 309 0.35 5.63 33.55
N ASP B 310 0.52 5.06 32.36
CA ASP B 310 -0.07 5.61 31.15
C ASP B 310 -0.33 4.45 30.19
N THR B 311 -0.83 4.78 29.01
CA THR B 311 -1.06 3.75 27.99
C THR B 311 0.27 3.09 27.62
N PRO B 312 0.25 1.81 27.24
CA PRO B 312 1.50 1.17 26.82
C PRO B 312 2.20 1.88 25.68
N GLU B 313 1.43 2.39 24.71
CA GLU B 313 2.02 3.14 23.61
C GLU B 313 2.77 4.36 24.12
N ALA B 314 2.20 5.05 25.13
CA ALA B 314 2.87 6.23 25.67
C ALA B 314 4.12 5.86 26.45
N LEU B 315 4.08 4.73 27.17
CA LEU B 315 5.23 4.35 27.99
C LEU B 315 6.39 3.85 27.13
N ILE B 316 6.08 3.10 26.06
CA ILE B 316 7.15 2.65 25.17
C ILE B 316 7.70 3.79 24.33
N ASN B 317 6.93 4.87 24.16
CA ASN B 317 7.41 6.00 23.37
C ASN B 317 8.41 6.85 24.11
N THR B 318 8.36 6.86 25.45
CA THR B 318 9.18 7.77 26.24
C THR B 318 10.03 7.11 27.30
N GLY B 319 10.05 5.78 27.37
CA GLY B 319 10.78 5.11 28.43
C GLY B 319 12.26 4.95 28.13
N ASP B 320 13.03 4.75 29.20
CA ASP B 320 14.47 4.47 29.12
C ASP B 320 14.66 2.97 29.29
N PHE B 321 15.12 2.30 28.23
CA PHE B 321 15.27 0.86 28.23
C PHE B 321 16.72 0.44 28.01
N GLN B 322 17.68 1.23 28.50
CA GLN B 322 19.07 1.05 28.07
C GLN B 322 19.67 -0.26 28.58
N ASP B 323 19.35 -0.67 29.81
CA ASP B 323 19.92 -1.89 30.36
C ASP B 323 18.96 -3.07 30.33
N LEU B 324 18.09 -3.14 29.31
CA LEU B 324 17.15 -4.23 29.16
C LEU B 324 17.43 -4.97 27.86
N GLN B 325 17.34 -6.29 27.91
CA GLN B 325 17.48 -7.15 26.74
C GLN B 325 16.18 -7.92 26.54
N VAL B 326 15.64 -7.88 25.31
CA VAL B 326 14.36 -8.52 25.01
C VAL B 326 14.47 -9.38 23.77
N LEU B 327 13.66 -10.44 23.73
CA LEU B 327 13.52 -11.32 22.58
C LEU B 327 12.07 -11.34 22.18
N VAL B 328 11.78 -10.90 20.96
CA VAL B 328 10.41 -10.80 20.46
C VAL B 328 10.30 -11.59 19.17
N GLY B 329 9.08 -11.99 18.84
CA GLY B 329 8.87 -12.71 17.59
C GLY B 329 7.41 -13.04 17.40
N VAL B 330 7.12 -13.60 16.22
CA VAL B 330 5.77 -13.98 15.82
C VAL B 330 5.82 -15.35 15.16
N VAL B 331 4.65 -15.90 14.87
CA VAL B 331 4.53 -17.10 14.08
C VAL B 331 4.07 -16.71 12.67
N LYS B 332 4.08 -17.67 11.75
CA LYS B 332 3.83 -17.36 10.35
C LYS B 332 2.39 -16.95 10.11
N ASP B 333 1.43 -17.51 10.84
CA ASP B 333 0.00 -17.25 10.63
C ASP B 333 -0.64 -16.92 11.97
N GLU B 334 -0.49 -15.67 12.39
CA GLU B 334 -0.97 -15.27 13.72
C GLU B 334 -2.48 -15.28 13.80
N GLY B 335 -3.16 -14.83 12.76
CA GLY B 335 -4.60 -14.63 12.84
C GLY B 335 -5.47 -15.74 12.32
N SER B 336 -4.91 -16.80 11.75
CA SER B 336 -5.74 -17.86 11.16
C SER B 336 -6.56 -18.59 12.21
N TYR B 337 -6.02 -18.75 13.41
CA TYR B 337 -6.74 -19.44 14.48
C TYR B 337 -8.05 -18.73 14.82
N PHE B 338 -8.03 -17.41 14.87
CA PHE B 338 -9.15 -16.62 15.38
C PHE B 338 -10.32 -16.51 14.41
N LEU B 339 -10.14 -16.91 13.15
CA LEU B 339 -11.18 -16.67 12.15
C LEU B 339 -12.38 -17.58 12.35
N VAL B 340 -12.19 -18.77 12.93
CA VAL B 340 -13.27 -19.73 13.05
C VAL B 340 -14.09 -19.45 14.31
N TYR B 341 -13.80 -18.35 14.99
CA TYR B 341 -14.49 -17.97 16.22
C TYR B 341 -15.34 -16.72 16.03
N GLY B 342 -15.97 -16.58 14.87
CA GLY B 342 -16.91 -15.48 14.69
C GLY B 342 -16.93 -14.84 13.31
N VAL B 343 -16.14 -15.34 12.38
CA VAL B 343 -16.07 -14.78 11.03
C VAL B 343 -16.86 -15.71 10.11
N PRO B 344 -17.94 -15.24 9.48
CA PRO B 344 -18.71 -16.11 8.59
C PRO B 344 -17.89 -16.59 7.41
N GLY B 345 -17.95 -17.89 7.15
CA GLY B 345 -17.26 -18.50 6.03
C GLY B 345 -16.02 -19.28 6.38
N PHE B 346 -15.64 -19.34 7.65
CA PHE B 346 -14.43 -20.02 8.08
C PHE B 346 -14.77 -21.21 8.96
N SER B 347 -14.02 -22.29 8.80
CA SER B 347 -14.21 -23.52 9.57
C SER B 347 -12.93 -24.33 9.52
N LYS B 348 -12.66 -25.04 10.61
CA LYS B 348 -11.50 -25.92 10.64
C LYS B 348 -11.67 -27.15 9.77
N ASP B 349 -12.90 -27.46 9.36
CA ASP B 349 -13.17 -28.69 8.64
C ASP B 349 -13.13 -28.51 7.13
N ASN B 350 -13.70 -27.42 6.60
CA ASN B 350 -13.57 -27.11 5.20
C ASN B 350 -12.38 -26.16 5.00
N GLU B 351 -12.09 -25.83 3.74
CA GLU B 351 -10.92 -25.02 3.42
C GLU B 351 -11.20 -23.51 3.43
N SER B 352 -12.40 -23.11 3.87
CA SER B 352 -12.70 -21.72 4.23
C SER B 352 -12.41 -20.75 3.08
N LEU B 353 -12.68 -21.17 1.85
CA LEU B 353 -12.55 -20.29 0.69
C LEU B 353 -13.74 -19.34 0.69
N ILE B 354 -13.49 -18.06 0.94
CA ILE B 354 -14.55 -17.08 1.18
C ILE B 354 -14.74 -16.23 -0.07
N SER B 355 -15.94 -15.68 -0.20
CA SER B 355 -16.22 -14.70 -1.25
C SER B 355 -15.56 -13.38 -0.87
N ARG B 356 -15.81 -12.35 -1.67
CA ARG B 356 -15.29 -11.02 -1.31
C ARG B 356 -16.20 -10.31 -0.33
N ALA B 357 -17.53 -10.38 -0.54
CA ALA B 357 -18.46 -9.79 0.41
C ALA B 357 -18.24 -10.33 1.82
N GLN B 358 -17.85 -11.60 1.92
CA GLN B 358 -17.45 -12.15 3.22
C GLN B 358 -16.16 -11.54 3.73
N PHE B 359 -15.24 -11.20 2.81
CA PHE B 359 -13.96 -10.63 3.22
C PHE B 359 -14.15 -9.27 3.90
N LEU B 360 -15.05 -8.44 3.35
CA LEU B 360 -15.30 -7.15 3.97
C LEU B 360 -16.06 -7.31 5.28
N ALA B 361 -17.07 -8.18 5.31
CA ALA B 361 -17.79 -8.47 6.54
C ALA B 361 -16.84 -8.96 7.63
N GLY B 362 -15.82 -9.72 7.25
CA GLY B 362 -14.83 -10.17 8.23
C GLY B 362 -13.90 -9.07 8.69
N VAL B 363 -13.65 -8.08 7.83
CA VAL B 363 -12.79 -6.96 8.22
C VAL B 363 -13.45 -6.12 9.30
N ARG B 364 -14.78 -5.96 9.24
CA ARG B 364 -15.48 -5.24 10.29
C ARG B 364 -15.42 -5.98 11.62
N ILE B 365 -15.26 -7.31 11.58
CA ILE B 365 -15.15 -8.08 12.80
C ILE B 365 -13.71 -8.09 13.31
N GLY B 366 -12.75 -8.23 12.40
CA GLY B 366 -11.35 -8.22 12.80
C GLY B 366 -10.86 -6.86 13.25
N VAL B 367 -11.42 -5.79 12.70
CA VAL B 367 -11.09 -4.42 13.10
C VAL B 367 -12.37 -3.76 13.60
N PRO B 368 -12.85 -4.12 14.80
CA PRO B 368 -14.17 -3.63 15.25
C PRO B 368 -14.21 -2.14 15.53
N GLN B 369 -13.06 -1.47 15.66
CA GLN B 369 -13.02 -0.04 15.93
C GLN B 369 -12.95 0.80 14.67
N ALA B 370 -12.85 0.19 13.49
CA ALA B 370 -12.63 0.93 12.26
C ALA B 370 -13.93 1.56 11.77
N SER B 371 -13.86 2.84 11.40
CA SER B 371 -14.95 3.46 10.69
C SER B 371 -15.08 2.87 9.29
N ASP B 372 -16.14 3.26 8.58
CA ASP B 372 -16.35 2.74 7.23
C ASP B 372 -15.19 3.08 6.31
N LEU B 373 -14.61 4.26 6.47
CA LEU B 373 -13.46 4.64 5.66
C LEU B 373 -12.22 3.84 6.04
N ALA B 374 -11.98 3.67 7.34
CA ALA B 374 -10.84 2.88 7.79
C ALA B 374 -11.00 1.41 7.42
N ALA B 375 -12.25 0.92 7.39
CA ALA B 375 -12.50 -0.45 6.95
C ALA B 375 -12.13 -0.62 5.49
N GLU B 376 -12.53 0.32 4.64
CA GLU B 376 -12.21 0.24 3.22
C GLU B 376 -10.71 0.33 2.99
N ALA B 377 -10.03 1.22 3.74
CA ALA B 377 -8.57 1.31 3.63
C ALA B 377 -7.91 -0.03 3.88
N VAL B 378 -8.43 -0.79 4.84
CA VAL B 378 -7.89 -2.12 5.09
C VAL B 378 -8.18 -3.06 3.92
N VAL B 379 -9.42 -3.01 3.41
CA VAL B 379 -9.80 -3.90 2.32
C VAL B 379 -8.95 -3.62 1.08
N LEU B 380 -8.82 -2.34 0.71
CA LEU B 380 -8.05 -2.00 -0.48
C LEU B 380 -6.57 -2.30 -0.30
N HIS B 381 -6.08 -2.31 0.94
CA HIS B 381 -4.67 -2.60 1.18
C HIS B 381 -4.35 -4.08 1.04
N TYR B 382 -5.18 -4.94 1.62
CA TYR B 382 -4.93 -6.39 1.60
C TYR B 382 -5.50 -7.07 0.37
N THR B 383 -6.23 -6.35 -0.47
CA THR B 383 -6.72 -6.90 -1.72
C THR B 383 -5.59 -7.12 -2.70
N ASP B 384 -5.54 -8.32 -3.27
CA ASP B 384 -4.69 -8.57 -4.44
C ASP B 384 -5.45 -8.07 -5.66
N TRP B 385 -5.10 -6.87 -6.14
CA TRP B 385 -5.87 -6.24 -7.21
C TRP B 385 -5.66 -6.89 -8.57
N LEU B 386 -4.79 -7.90 -8.67
CA LEU B 386 -4.73 -8.73 -9.87
C LEU B 386 -5.73 -9.88 -9.80
N HIS B 387 -5.88 -10.50 -8.63
CA HIS B 387 -6.92 -11.51 -8.38
C HIS B 387 -7.83 -11.01 -7.27
N PRO B 388 -8.62 -9.96 -7.52
CA PRO B 388 -9.41 -9.36 -6.44
C PRO B 388 -10.54 -10.21 -5.93
N GLU B 389 -10.79 -11.40 -6.51
CA GLU B 389 -11.88 -12.25 -6.05
C GLU B 389 -11.48 -13.71 -5.93
N ASP B 390 -10.19 -14.04 -6.03
CA ASP B 390 -9.70 -15.42 -5.92
C ASP B 390 -9.80 -15.90 -4.48
N PRO B 391 -10.83 -16.70 -4.13
CA PRO B 391 -11.16 -16.94 -2.72
C PRO B 391 -9.99 -17.39 -1.85
N THR B 392 -8.96 -17.97 -2.45
CA THR B 392 -7.80 -18.39 -1.68
C THR B 392 -7.05 -17.20 -1.09
N HIS B 393 -6.83 -16.15 -1.88
CA HIS B 393 -6.10 -14.99 -1.36
CA HIS B 393 -6.10 -14.98 -1.37
C HIS B 393 -6.91 -14.27 -0.30
N LEU B 394 -8.20 -14.02 -0.57
CA LEU B 394 -9.03 -13.31 0.40
C LEU B 394 -9.14 -14.06 1.72
N ARG B 395 -9.09 -15.40 1.67
CA ARG B 395 -9.01 -16.18 2.91
C ARG B 395 -7.66 -15.95 3.59
N ASP B 396 -6.57 -16.13 2.84
CA ASP B 396 -5.24 -15.87 3.40
C ASP B 396 -5.08 -14.41 3.82
N ALA B 397 -5.74 -13.49 3.11
CA ALA B 397 -5.64 -12.08 3.46
C ALA B 397 -6.41 -11.77 4.75
N MET B 398 -7.55 -12.42 4.95
CA MET B 398 -8.31 -12.22 6.18
C MET B 398 -7.51 -12.68 7.39
N SER B 399 -6.80 -13.80 7.26
CA SER B 399 -5.90 -14.24 8.32
C SER B 399 -4.80 -13.22 8.56
N ALA B 400 -4.31 -12.58 7.50
CA ALA B 400 -3.23 -11.61 7.64
C ALA B 400 -3.73 -10.32 8.29
N VAL B 401 -4.96 -9.92 7.99
CA VAL B 401 -5.51 -8.71 8.60
C VAL B 401 -5.53 -8.85 10.12
N VAL B 402 -6.06 -9.97 10.61
CA VAL B 402 -6.14 -10.17 12.06
C VAL B 402 -4.76 -10.38 12.65
N GLY B 403 -3.90 -11.12 11.95
CA GLY B 403 -2.56 -11.37 12.47
C GLY B 403 -1.72 -10.11 12.54
N ASP B 404 -1.72 -9.31 11.45
CA ASP B 404 -0.91 -8.11 11.43
C ASP B 404 -1.44 -7.05 12.40
N HIS B 405 -2.77 -6.89 12.45
CA HIS B 405 -3.35 -5.83 13.28
C HIS B 405 -3.12 -6.08 14.77
N ASN B 406 -3.22 -7.35 15.20
CA ASN B 406 -3.19 -7.66 16.62
C ASN B 406 -1.83 -8.10 17.14
N VAL B 407 -0.99 -8.72 16.29
CA VAL B 407 0.27 -9.26 16.77
C VAL B 407 1.46 -8.68 16.02
N VAL B 408 1.55 -8.96 14.71
CA VAL B 408 2.77 -8.73 13.96
C VAL B 408 3.18 -7.26 14.04
N CYS B 409 2.27 -6.35 13.73
CA CYS B 409 2.62 -4.94 13.70
C CYS B 409 2.76 -4.34 15.10
N PRO B 410 1.96 -4.75 16.09
CA PRO B 410 2.30 -4.36 17.47
C PRO B 410 3.67 -4.84 17.91
N VAL B 411 4.08 -6.05 17.49
CA VAL B 411 5.42 -6.52 17.81
C VAL B 411 6.47 -5.67 17.11
N ALA B 412 6.22 -5.31 15.85
CA ALA B 412 7.19 -4.50 15.11
C ALA B 412 7.34 -3.11 15.73
N GLN B 413 6.23 -2.52 16.18
CA GLN B 413 6.32 -1.20 16.79
C GLN B 413 7.06 -1.26 18.12
N LEU B 414 6.80 -2.29 18.93
CA LEU B 414 7.49 -2.43 20.20
C LEU B 414 8.99 -2.65 19.99
N ALA B 415 9.34 -3.58 19.09
CA ALA B 415 10.75 -3.88 18.86
C ALA B 415 11.49 -2.64 18.37
N GLY B 416 10.86 -1.83 17.53
CA GLY B 416 11.49 -0.61 17.07
C GLY B 416 11.64 0.42 18.17
N ARG B 417 10.61 0.58 19.00
CA ARG B 417 10.68 1.58 20.07
C ARG B 417 11.68 1.19 21.15
N LEU B 418 11.73 -0.10 21.52
CA LEU B 418 12.71 -0.54 22.50
C LEU B 418 14.13 -0.36 21.96
N ALA B 419 14.36 -0.81 20.72
CA ALA B 419 15.69 -0.66 20.13
C ALA B 419 16.08 0.81 19.99
N ALA B 420 15.11 1.67 19.67
CA ALA B 420 15.40 3.09 19.50
C ALA B 420 15.78 3.77 20.81
N GLN B 421 15.36 3.22 21.95
CA GLN B 421 15.62 3.87 23.23
C GLN B 421 16.43 2.99 24.17
N GLY B 422 17.51 2.40 23.66
CA GLY B 422 18.53 1.79 24.48
C GLY B 422 18.47 0.27 24.57
N ALA B 423 17.32 -0.34 24.30
CA ALA B 423 17.17 -1.76 24.56
C ALA B 423 17.92 -2.60 23.53
N ARG B 424 18.25 -3.81 23.95
CA ARG B 424 18.91 -4.81 23.10
C ARG B 424 17.86 -5.81 22.68
N VAL B 425 17.52 -5.81 21.39
CA VAL B 425 16.35 -6.52 20.87
C VAL B 425 16.80 -7.58 19.87
N TYR B 426 16.27 -8.79 20.03
CA TYR B 426 16.41 -9.87 19.05
C TYR B 426 15.02 -10.27 18.58
N ALA B 427 14.85 -10.35 17.26
CA ALA B 427 13.54 -10.63 16.68
C ALA B 427 13.59 -11.89 15.82
N TYR B 428 12.47 -12.59 15.77
CA TYR B 428 12.36 -13.82 15.01
C TYR B 428 10.99 -13.91 14.35
N ILE B 429 10.88 -14.81 13.38
CA ILE B 429 9.60 -15.29 12.87
C ILE B 429 9.66 -16.80 12.84
N PHE B 430 8.65 -17.43 13.44
CA PHE B 430 8.58 -18.89 13.55
C PHE B 430 7.73 -19.43 12.42
N GLU B 431 8.34 -20.23 11.55
CA GLU B 431 7.70 -20.65 10.31
C GLU B 431 7.48 -22.16 10.19
N HIS B 432 7.92 -22.96 11.16
CA HIS B 432 7.73 -24.40 11.07
C HIS B 432 6.35 -24.79 11.57
N ARG B 433 5.65 -25.61 10.79
CA ARG B 433 4.38 -26.18 11.18
C ARG B 433 4.60 -27.60 11.68
N ALA B 434 4.08 -27.89 12.87
CA ALA B 434 4.33 -29.19 13.50
C ALA B 434 3.72 -30.32 12.68
N SER B 435 4.44 -31.44 12.61
CA SER B 435 3.91 -32.62 11.94
C SER B 435 2.72 -33.19 12.69
N THR B 436 2.64 -32.96 14.00
CA THR B 436 1.55 -33.46 14.82
C THR B 436 0.35 -32.52 14.86
N LEU B 437 0.37 -31.43 14.09
CA LEU B 437 -0.72 -30.47 14.13
C LEU B 437 -2.01 -31.11 13.63
N THR B 438 -3.11 -30.79 14.32
CA THR B 438 -4.42 -31.33 13.97
C THR B 438 -5.34 -30.29 13.35
N TRP B 439 -4.91 -29.03 13.26
CA TRP B 439 -5.64 -28.02 12.54
C TRP B 439 -5.44 -28.17 11.04
N PRO B 440 -6.36 -27.67 10.22
CA PRO B 440 -6.20 -27.78 8.77
C PRO B 440 -4.97 -27.03 8.28
N LEU B 441 -4.50 -27.41 7.09
CA LEU B 441 -3.28 -26.82 6.55
C LEU B 441 -3.47 -25.37 6.13
N TRP B 442 -4.70 -24.94 5.84
CA TRP B 442 -4.90 -23.55 5.44
C TRP B 442 -4.61 -22.58 6.57
N MET B 443 -4.57 -23.06 7.82
CA MET B 443 -4.20 -22.22 8.95
C MET B 443 -2.69 -22.05 9.08
N GLY B 444 -1.90 -22.84 8.37
CA GLY B 444 -0.45 -22.67 8.40
C GLY B 444 0.13 -22.96 9.77
N VAL B 445 0.89 -21.99 10.28
CA VAL B 445 1.43 -22.05 11.64
C VAL B 445 0.57 -21.15 12.51
N PRO B 446 -0.38 -21.70 13.27
CA PRO B 446 -1.35 -20.87 13.98
C PRO B 446 -0.76 -20.26 15.25
N HIS B 447 -1.54 -19.34 15.83
CA HIS B 447 -1.20 -18.63 17.06
C HIS B 447 -0.94 -19.59 18.21
N GLY B 448 0.32 -19.72 18.63
CA GLY B 448 0.67 -20.47 19.82
C GLY B 448 1.33 -21.80 19.59
N TYR B 449 1.56 -22.21 18.35
CA TYR B 449 2.12 -23.53 18.06
C TYR B 449 3.63 -23.51 17.85
N GLU B 450 4.31 -22.55 18.48
CA GLU B 450 5.75 -22.61 18.65
C GLU B 450 6.14 -22.99 20.07
N ILE B 451 5.18 -23.00 21.00
CA ILE B 451 5.48 -23.21 22.41
C ILE B 451 5.98 -24.63 22.65
N GLU B 452 5.34 -25.61 22.01
CA GLU B 452 5.73 -27.01 22.23
C GLU B 452 7.17 -27.27 21.81
N PHE B 453 7.70 -26.47 20.88
CA PHE B 453 9.09 -26.63 20.47
C PHE B 453 10.05 -25.91 21.41
N ILE B 454 9.65 -24.75 21.93
CA ILE B 454 10.50 -24.02 22.86
C ILE B 454 10.70 -24.83 24.14
N PHE B 455 9.63 -25.50 24.61
CA PHE B 455 9.71 -26.30 25.83
C PHE B 455 10.36 -27.66 25.61
N GLY B 456 10.60 -28.06 24.36
CA GLY B 456 11.30 -29.30 24.10
C GLY B 456 10.45 -30.55 24.09
N LEU B 457 9.14 -30.41 23.85
CA LEU B 457 8.29 -31.60 23.78
C LEU B 457 8.68 -32.58 22.69
N PRO B 458 9.18 -32.18 21.51
CA PRO B 458 9.60 -33.18 20.52
C PRO B 458 10.66 -34.16 21.01
N LEU B 459 11.31 -33.90 22.13
CA LEU B 459 12.32 -34.80 22.66
C LEU B 459 11.71 -35.96 23.44
N ASP B 460 10.38 -35.95 23.62
CA ASP B 460 9.66 -37.08 24.17
C ASP B 460 9.31 -38.01 23.01
N PRO B 461 9.94 -39.18 22.90
CA PRO B 461 9.67 -40.05 21.75
C PRO B 461 8.22 -40.47 21.61
N SER B 462 7.45 -40.46 22.69
CA SER B 462 6.09 -40.98 22.68
C SER B 462 5.10 -40.08 21.95
N LEU B 463 5.47 -38.84 21.64
CA LEU B 463 4.55 -37.91 20.99
C LEU B 463 4.74 -37.83 19.49
N ASN B 464 5.64 -38.63 18.92
CA ASN B 464 5.69 -38.90 17.47
C ASN B 464 6.03 -37.65 16.67
N TYR B 465 7.12 -37.00 17.01
CA TYR B 465 7.70 -35.93 16.19
C TYR B 465 8.77 -36.50 15.28
N THR B 466 9.08 -35.76 14.22
CA THR B 466 10.13 -36.18 13.31
C THR B 466 11.50 -35.94 13.94
N THR B 467 12.51 -36.62 13.40
CA THR B 467 13.86 -36.48 13.93
C THR B 467 14.38 -35.06 13.75
N GLU B 468 14.05 -34.43 12.61
CA GLU B 468 14.45 -33.04 12.42
C GLU B 468 13.72 -32.11 13.38
N GLU B 469 12.46 -32.41 13.70
CA GLU B 469 11.74 -31.63 14.69
C GLU B 469 12.39 -31.76 16.06
N ARG B 470 12.91 -32.95 16.38
CA ARG B 470 13.61 -33.14 17.65
C ARG B 470 14.86 -32.27 17.71
N ILE B 471 15.62 -32.21 16.61
CA ILE B 471 16.82 -31.38 16.58
C ILE B 471 16.45 -29.90 16.50
N PHE B 472 15.33 -29.58 15.83
CA PHE B 472 14.86 -28.21 15.78
C PHE B 472 14.52 -27.70 17.18
N ALA B 473 13.84 -28.53 17.97
CA ALA B 473 13.51 -28.14 19.33
C ALA B 473 14.76 -27.88 20.14
N GLN B 474 15.80 -28.68 19.95
CA GLN B 474 17.05 -28.49 20.69
C GLN B 474 17.68 -27.15 20.33
N ARG B 475 17.61 -26.74 19.06
CA ARG B 475 18.13 -25.43 18.67
C ARG B 475 17.39 -24.31 19.39
N LEU B 476 16.07 -24.40 19.47
CA LEU B 476 15.29 -23.34 20.09
C LEU B 476 15.50 -23.31 21.60
N MET B 477 15.60 -24.47 22.24
CA MET B 477 15.90 -24.51 23.67
C MET B 477 17.22 -23.83 23.97
N LYS B 478 18.23 -24.06 23.12
CA LYS B 478 19.52 -23.41 23.33
C LYS B 478 19.44 -21.92 23.05
N TYR B 479 18.63 -21.51 22.08
CA TYR B 479 18.42 -20.08 21.84
C TYR B 479 17.86 -19.39 23.07
N TRP B 480 16.74 -19.90 23.59
CA TRP B 480 16.08 -19.27 24.72
C TRP B 480 16.96 -19.28 25.96
N THR B 481 17.60 -20.42 26.26
CA THR B 481 18.41 -20.51 27.47
C THR B 481 19.68 -19.68 27.36
N ASN B 482 20.28 -19.60 26.16
CA ASN B 482 21.42 -18.71 25.97
C ASN B 482 21.02 -17.27 26.20
N PHE B 483 19.83 -16.88 25.74
CA PHE B 483 19.34 -15.54 26.00
C PHE B 483 19.11 -15.32 27.49
N ALA B 484 18.62 -16.34 28.19
CA ALA B 484 18.45 -16.22 29.63
C ALA B 484 19.79 -16.15 30.36
N ARG B 485 20.76 -16.93 29.89
CA ARG B 485 22.07 -16.95 30.54
C ARG B 485 22.84 -15.65 30.29
N THR B 486 22.73 -15.09 29.08
CA THR B 486 23.64 -14.04 28.65
C THR B 486 22.96 -12.80 28.07
N GLY B 487 21.68 -12.84 27.75
CA GLY B 487 21.06 -11.77 27.00
C GLY B 487 21.28 -11.83 25.51
N ASP B 488 21.89 -12.90 25.02
CA ASP B 488 22.21 -13.06 23.60
C ASP B 488 21.81 -14.48 23.23
N PRO B 489 20.93 -14.67 22.26
CA PRO B 489 20.52 -16.04 21.88
C PRO B 489 21.61 -16.81 21.14
N ASN B 490 22.70 -16.17 20.75
CA ASN B 490 23.75 -16.84 19.99
C ASN B 490 24.62 -17.69 20.89
N ASP B 491 25.00 -18.85 20.38
CA ASP B 491 25.86 -19.77 21.11
C ASP B 491 27.28 -19.20 21.20
N PRO B 492 27.78 -18.89 22.40
CA PRO B 492 29.18 -18.49 22.53
C PRO B 492 30.16 -19.64 22.41
N ARG B 493 29.67 -20.86 22.18
CA ARG B 493 30.51 -22.00 21.85
C ARG B 493 30.65 -22.12 20.34
N ASP B 494 29.63 -22.70 19.70
CA ASP B 494 29.57 -22.80 18.24
C ASP B 494 29.71 -21.42 17.60
N SER B 495 30.84 -21.18 16.93
CA SER B 495 31.02 -19.96 16.15
C SER B 495 30.01 -19.94 15.01
N LYS B 496 30.39 -20.52 13.88
CA LYS B 496 29.48 -20.88 12.79
C LYS B 496 28.93 -19.69 12.01
N SER B 497 28.71 -19.91 10.72
CA SER B 497 28.45 -18.93 9.68
C SER B 497 27.47 -17.79 10.00
N PRO B 498 26.23 -18.06 10.48
CA PRO B 498 25.26 -16.96 10.57
C PRO B 498 24.88 -16.62 12.01
N GLN B 499 25.20 -15.40 12.44
CA GLN B 499 24.81 -14.98 13.77
C GLN B 499 23.42 -14.35 13.74
N TRP B 500 22.71 -14.48 14.85
CA TRP B 500 21.43 -13.82 15.04
C TRP B 500 21.69 -12.36 15.41
N PRO B 501 21.54 -11.43 14.47
CA PRO B 501 21.90 -10.05 14.75
C PRO B 501 20.83 -9.36 15.58
N PRO B 502 21.20 -8.37 16.37
CA PRO B 502 20.19 -7.60 17.10
C PRO B 502 19.31 -6.81 16.15
N TYR B 503 18.03 -6.74 16.48
CA TYR B 503 17.10 -5.90 15.72
C TYR B 503 17.38 -4.43 16.04
N THR B 504 17.58 -3.64 15.00
CA THR B 504 17.79 -2.20 15.12
C THR B 504 16.76 -1.47 14.27
N THR B 505 16.56 -0.19 14.59
CA THR B 505 15.59 0.60 13.83
C THR B 505 16.06 0.86 12.40
N ALA B 506 17.38 0.88 12.18
CA ALA B 506 17.91 1.15 10.85
C ALA B 506 17.90 -0.11 9.98
N ALA B 507 18.64 -1.13 10.40
CA ALA B 507 18.75 -2.35 9.60
C ALA B 507 17.50 -3.21 9.68
N GLN B 508 16.79 -3.19 10.82
CA GLN B 508 15.53 -3.92 10.99
C GLN B 508 15.70 -5.41 10.74
N GLN B 509 16.79 -5.98 11.25
CA GLN B 509 17.13 -7.37 10.99
C GLN B 509 16.44 -8.31 11.97
N TYR B 510 15.91 -9.40 11.44
CA TYR B 510 15.35 -10.49 12.23
C TYR B 510 15.73 -11.80 11.55
N VAL B 511 15.41 -12.91 12.21
CA VAL B 511 15.77 -14.23 11.69
C VAL B 511 14.52 -15.10 11.58
N SER B 512 14.64 -16.17 10.81
CA SER B 512 13.57 -17.14 10.62
C SER B 512 13.91 -18.41 11.37
N LEU B 513 12.95 -18.92 12.14
CA LEU B 513 13.12 -20.15 12.90
C LEU B 513 12.35 -21.25 12.18
N ASN B 514 13.07 -22.06 11.41
CA ASN B 514 12.54 -23.25 10.78
C ASN B 514 13.63 -24.31 10.83
N LEU B 515 13.46 -25.39 10.07
CA LEU B 515 14.42 -26.48 10.10
C LEU B 515 15.65 -26.20 9.23
N LYS B 516 15.53 -25.29 8.27
CA LYS B 516 16.72 -24.79 7.58
C LYS B 516 17.55 -23.97 8.56
N PRO B 517 18.84 -23.80 8.29
CA PRO B 517 19.68 -22.98 9.17
C PRO B 517 19.16 -21.55 9.25
N LEU B 518 19.69 -20.82 10.23
CA LEU B 518 19.28 -19.44 10.45
C LEU B 518 19.46 -18.60 9.19
N GLU B 519 18.41 -17.87 8.84
CA GLU B 519 18.40 -16.97 7.69
C GLU B 519 17.98 -15.59 8.16
N VAL B 520 18.87 -14.61 8.00
CA VAL B 520 18.61 -13.26 8.48
C VAL B 520 17.86 -12.48 7.42
N ARG B 521 16.76 -11.84 7.82
CA ARG B 521 15.94 -11.04 6.94
C ARG B 521 15.85 -9.62 7.48
N ARG B 522 15.44 -8.70 6.62
CA ARG B 522 15.31 -7.29 6.97
C ARG B 522 13.90 -6.82 6.66
N GLY B 523 13.24 -6.23 7.65
CA GLY B 523 11.90 -5.72 7.45
C GLY B 523 10.82 -6.63 7.99
N LEU B 524 10.30 -6.29 9.16
CA LEU B 524 9.22 -7.05 9.78
C LEU B 524 7.87 -6.52 9.26
N ARG B 525 7.62 -6.82 7.99
CA ARG B 525 6.48 -6.30 7.25
C ARG B 525 6.43 -4.77 7.32
N ALA B 526 7.53 -4.16 6.87
CA ALA B 526 7.71 -2.73 7.04
C ALA B 526 6.60 -1.95 6.33
N GLN B 527 6.22 -2.37 5.12
CA GLN B 527 5.21 -1.65 4.37
C GLN B 527 3.83 -1.79 5.01
N THR B 528 3.41 -3.03 5.24
CA THR B 528 2.07 -3.26 5.79
C THR B 528 1.95 -2.71 7.21
N CYS B 529 2.98 -2.88 8.03
CA CYS B 529 2.92 -2.37 9.39
C CYS B 529 3.03 -0.86 9.46
N ALA B 530 3.63 -0.22 8.44
CA ALA B 530 3.56 1.24 8.36
C ALA B 530 2.12 1.70 8.22
N PHE B 531 1.30 0.93 7.51
CA PHE B 531 -0.11 1.27 7.40
C PHE B 531 -0.80 1.19 8.75
N TRP B 532 -0.57 0.11 9.50
CA TRP B 532 -1.24 -0.08 10.77
C TRP B 532 -0.71 0.87 11.83
N ASN B 533 0.60 1.03 11.91
CA ASN B 533 1.21 1.79 13.00
C ASN B 533 1.27 3.28 12.74
N ARG B 534 1.39 3.71 11.49
CA ARG B 534 1.58 5.13 11.18
C ARG B 534 0.36 5.77 10.55
N PHE B 535 -0.26 5.14 9.55
CA PHE B 535 -1.37 5.80 8.86
C PHE B 535 -2.67 5.68 9.65
N LEU B 536 -3.17 4.46 9.82
CA LEU B 536 -4.52 4.24 10.34
C LEU B 536 -4.84 4.99 11.63
N PRO B 537 -3.92 5.14 12.60
CA PRO B 537 -4.21 6.05 13.73
C PRO B 537 -4.73 7.41 13.29
N LYS B 538 -4.13 8.01 12.27
CA LYS B 538 -4.69 9.19 11.62
C LYS B 538 -5.68 8.71 10.56
N LEU B 539 -6.96 8.70 10.94
CA LEU B 539 -8.08 8.21 10.14
C LEU B 539 -9.18 7.91 11.14
N LEU B 540 -8.89 6.98 12.04
CA LEU B 540 -9.59 6.87 13.32
C LEU B 540 -9.26 8.12 14.12
N SER B 541 -9.86 9.24 13.71
CA SER B 541 -9.53 10.60 14.14
C SER B 541 -10.30 11.51 13.21
N ALA B 542 -10.31 11.15 11.92
CA ALA B 542 -11.26 11.70 10.95
C ALA B 542 -12.57 10.93 11.02
N THR B 543 -13.14 10.91 12.23
CA THR B 543 -14.41 10.27 12.53
C THR B 543 -14.82 10.58 13.97
#